data_7JL1
#
_entry.id   7JL1
#
_cell.length_a   1.00
_cell.length_b   1.00
_cell.length_c   1.00
_cell.angle_alpha   90.00
_cell.angle_beta   90.00
_cell.angle_gamma   90.00
#
_symmetry.space_group_name_H-M   'P 1'
#
loop_
_entity.id
_entity.type
_entity.pdbx_description
1 polymer 'Antiviral innate immune response receptor RIG-I'
2 polymer 'dsRNA strand 1'
3 polymer 'dsRNA strand 2'
4 polymer 'E3 ubiquitin-protein ligase RNF135'
5 non-polymer "ADENOSINE-5'-DIPHOSPHATE"
6 non-polymer 'TETRAFLUOROALUMINATE ION'
7 non-polymer 'MAGNESIUM ION'
8 non-polymer 'ZINC ION'
#
loop_
_entity_poly.entity_id
_entity_poly.type
_entity_poly.pdbx_seq_one_letter_code
_entity_poly.pdbx_strand_id
1 'polypeptide(L)'
;METSDIQIFYQEDPECQNLSENSCPPSEVSDTNLYSPFKPRNYQLELALPAMKGKNTIICAPTGCGKTFVSLLICEHHLK
KFPQGQKGKVVFFANQIPVYEQQKSVFSKYFERHGYRVTGISGATAENVPVEQIVENNDIIILTPQILVNNLKKGTIPSL
SIFTLMIFDECHNTSKQHPYNMIMFNYLDQKLGGSSGPLPQVIGLTASVGVGDAKNTDEALDYICKLCASLDASVIATVK
HNLEELEQVVYKPQKFFRKVESRISDKFKYIIAQLMRDTESLAKRICKDLENLSQIQNREFGTQKYEQWIVTVQKACMVF
QMPDKDEESRICKALFLYTSHLRKYNDALIISEHARMKDALDYLKDFFSNVRAAGFDEIEQDLTQRFEEKLQELESVSRD
PSNENPKLEDLCFILQEEYHLNPETITILFVKTRALVDALKNWIEGNPKLSFLKPGILTGRGKTNQNTGMTLPAQKCILD
AFKASGDHNILIATSVADEGIDIAQCNLVILYEYVGNVIKMIQTRGRGRARGSKCFLLTSNAGVIEKEQINMYKEKMMND
SILRLQTWDEAVFREKILHIQTHEKFIRDSQEKPKPVPDKENKKLLCRKCKALACYTADVRVIEECHYTVLGDAFKECFV
SRPHPKPKQFSSFEKRAKIFCARQNCSHDWGIHVKYKTFEIPVIKIESFVVEDIATGVQTLYSKWKDFHFEKIPFDPAEM
SK
;
A
2 'polyribonucleotide' GACUGACUGACUGA X
3 'polyribonucleotide' UCAGUCAGUCAGUC Y
4 'polypeptide(L)'
;RRASRFAQWAIHPTFNLKSLSCSLEVSKDSRTVTVSHRPQPYRWSCERFSTSQVLCSQALSSGKHYWEVDTRNCSHWAVG
VASWEMSRDQVLGRTMDSCCVEWKGTSQLSAWHMVKETVLGSDRPGVVGIWLNLEEGKLAFYSVDNQEKLLYECTISASS
PLYPAFWLYGLHPGNYLIIKQVKV
;
B
#
loop_
_chem_comp.id
_chem_comp.type
_chem_comp.name
_chem_comp.formula
A RNA linking ADENOSINE-5'-MONOPHOSPHATE 'C10 H14 N5 O7 P'
ADP non-polymer ADENOSINE-5'-DIPHOSPHATE 'C10 H15 N5 O10 P2'
ALF non-polymer 'TETRAFLUOROALUMINATE ION' 'Al F4 -1'
C RNA linking CYTIDINE-5'-MONOPHOSPHATE 'C9 H14 N3 O8 P'
G RNA linking GUANOSINE-5'-MONOPHOSPHATE 'C10 H14 N5 O8 P'
MG non-polymer 'MAGNESIUM ION' 'Mg 2'
U RNA linking URIDINE-5'-MONOPHOSPHATE 'C9 H13 N2 O9 P'
ZN non-polymer 'ZINC ION' 'Zn 2'
#
# COMPACT_ATOMS: atom_id res chain seq x y z
N SER A 36 -14.93 -29.43 7.73
CA SER A 36 -16.10 -30.28 7.74
C SER A 36 -17.41 -29.54 8.01
N PRO A 37 -17.50 -28.74 9.07
CA PRO A 37 -18.80 -28.14 9.41
C PRO A 37 -19.35 -27.22 8.34
N PHE A 38 -18.51 -26.71 7.44
CA PHE A 38 -18.99 -25.87 6.37
C PHE A 38 -20.01 -26.62 5.52
N LYS A 39 -21.13 -25.96 5.24
CA LYS A 39 -22.13 -26.50 4.33
C LYS A 39 -22.06 -25.71 3.03
N PRO A 40 -21.67 -26.33 1.92
CA PRO A 40 -21.49 -25.55 0.70
C PRO A 40 -22.75 -24.81 0.31
N ARG A 41 -22.57 -23.56 -0.10
CA ARG A 41 -23.67 -22.77 -0.58
C ARG A 41 -23.98 -23.14 -2.03
N ASN A 42 -25.14 -22.70 -2.50
CA ASN A 42 -25.60 -23.13 -3.82
C ASN A 42 -24.61 -22.74 -4.91
N TYR A 43 -24.23 -21.45 -4.97
CA TYR A 43 -23.40 -21.03 -6.09
C TYR A 43 -22.05 -21.71 -6.06
N GLN A 44 -21.60 -22.12 -4.88
CA GLN A 44 -20.34 -22.85 -4.84
C GLN A 44 -20.45 -24.19 -5.55
N LEU A 45 -21.57 -24.89 -5.36
CA LEU A 45 -21.79 -26.11 -6.13
C LEU A 45 -21.92 -25.79 -7.61
N GLU A 46 -22.49 -24.63 -7.93
CA GLU A 46 -22.65 -24.27 -9.32
C GLU A 46 -21.32 -24.01 -10.00
N LEU A 47 -20.34 -23.49 -9.27
CA LEU A 47 -19.10 -23.07 -9.90
C LEU A 47 -18.10 -24.19 -10.09
N ALA A 48 -18.42 -25.41 -9.70
CA ALA A 48 -17.46 -26.51 -9.81
C ALA A 48 -17.76 -27.46 -10.96
N LEU A 49 -19.01 -27.59 -11.38
CA LEU A 49 -19.36 -28.57 -12.40
C LEU A 49 -18.53 -28.44 -13.65
N PRO A 50 -18.30 -27.26 -14.22
CA PRO A 50 -17.44 -27.18 -15.40
C PRO A 50 -16.06 -27.72 -15.17
N ALA A 51 -15.60 -27.75 -13.92
CA ALA A 51 -14.28 -28.29 -13.62
C ALA A 51 -14.32 -29.70 -13.09
N MET A 52 -15.41 -30.11 -12.44
CA MET A 52 -15.57 -31.51 -12.10
C MET A 52 -15.69 -32.37 -13.35
N LYS A 53 -16.19 -31.82 -14.44
CA LYS A 53 -16.25 -32.58 -15.68
C LYS A 53 -14.88 -32.85 -16.28
N GLY A 54 -13.87 -32.06 -15.96
CA GLY A 54 -12.54 -32.29 -16.47
C GLY A 54 -12.06 -31.35 -17.55
N LYS A 55 -12.77 -30.27 -17.82
CA LYS A 55 -12.32 -29.28 -18.78
C LYS A 55 -11.46 -28.23 -18.09
N ASN A 56 -10.41 -27.80 -18.76
CA ASN A 56 -9.58 -26.74 -18.19
C ASN A 56 -10.46 -25.51 -18.03
N THR A 57 -10.40 -24.82 -16.89
CA THR A 57 -11.43 -23.80 -16.65
C THR A 57 -10.87 -22.56 -16.00
N ILE A 58 -11.65 -21.49 -16.09
CA ILE A 58 -11.37 -20.23 -15.42
C ILE A 58 -12.59 -19.84 -14.62
N ILE A 59 -12.43 -19.63 -13.32
CA ILE A 59 -13.54 -19.43 -12.42
C ILE A 59 -13.57 -17.98 -11.98
N CYS A 60 -14.67 -17.28 -12.26
CA CYS A 60 -14.74 -15.84 -12.02
C CYS A 60 -15.95 -15.52 -11.14
N ALA A 61 -15.71 -14.81 -10.05
CA ALA A 61 -16.74 -14.45 -9.09
C ALA A 61 -16.24 -13.23 -8.33
N PRO A 62 -17.13 -12.45 -7.74
CA PRO A 62 -16.69 -11.26 -7.01
C PRO A 62 -15.84 -11.62 -5.81
N THR A 63 -15.08 -10.65 -5.34
CA THR A 63 -14.23 -10.88 -4.17
C THR A 63 -15.09 -11.19 -2.96
N GLY A 64 -14.63 -12.11 -2.14
CA GLY A 64 -15.41 -12.56 -1.00
C GLY A 64 -16.22 -13.79 -1.24
N CYS A 65 -16.31 -14.25 -2.48
CA CYS A 65 -16.94 -15.52 -2.76
C CYS A 65 -16.07 -16.63 -2.22
N GLY A 66 -16.60 -17.84 -2.20
CA GLY A 66 -15.84 -18.94 -1.70
C GLY A 66 -14.95 -19.59 -2.73
N LYS A 67 -14.03 -18.85 -3.34
CA LYS A 67 -13.18 -19.47 -4.34
C LYS A 67 -12.29 -20.53 -3.73
N THR A 68 -11.70 -20.25 -2.58
CA THR A 68 -10.79 -21.23 -2.00
C THR A 68 -11.53 -22.52 -1.68
N PHE A 69 -12.73 -22.39 -1.13
CA PHE A 69 -13.57 -23.56 -0.88
C PHE A 69 -13.89 -24.30 -2.17
N VAL A 70 -14.15 -23.56 -3.26
CA VAL A 70 -14.45 -24.19 -4.54
C VAL A 70 -13.25 -25.00 -5.01
N SER A 71 -12.06 -24.45 -4.88
CA SER A 71 -10.87 -25.19 -5.24
C SER A 71 -10.76 -26.43 -4.39
N LEU A 72 -11.12 -26.32 -3.11
CA LEU A 72 -11.07 -27.50 -2.24
C LEU A 72 -12.02 -28.57 -2.75
N LEU A 73 -13.24 -28.19 -3.12
CA LEU A 73 -14.19 -29.19 -3.60
C LEU A 73 -13.70 -29.84 -4.87
N ILE A 74 -13.15 -29.04 -5.80
CA ILE A 74 -12.65 -29.60 -7.04
C ILE A 74 -11.54 -30.59 -6.76
N CYS A 75 -10.62 -30.23 -5.86
CA CYS A 75 -9.51 -31.12 -5.56
C CYS A 75 -9.99 -32.39 -4.88
N GLU A 76 -10.94 -32.29 -3.95
CA GLU A 76 -11.44 -33.48 -3.27
C GLU A 76 -12.13 -34.42 -4.24
N HIS A 77 -12.94 -33.89 -5.14
CA HIS A 77 -13.62 -34.73 -6.12
C HIS A 77 -12.65 -35.30 -7.14
N HIS A 78 -11.58 -34.58 -7.46
CA HIS A 78 -10.61 -35.13 -8.39
C HIS A 78 -9.77 -36.19 -7.74
N LEU A 79 -9.56 -36.10 -6.43
CA LEU A 79 -8.71 -37.08 -5.75
C LEU A 79 -9.42 -38.41 -5.61
N LYS A 80 -10.72 -38.38 -5.33
CA LYS A 80 -11.45 -39.62 -5.10
C LYS A 80 -11.71 -40.40 -6.38
N LYS A 81 -11.50 -39.81 -7.56
CA LYS A 81 -11.88 -40.48 -8.79
C LYS A 81 -10.92 -41.58 -9.21
N PHE A 82 -9.64 -41.44 -8.90
CA PHE A 82 -8.65 -42.41 -9.36
C PHE A 82 -8.97 -43.80 -8.80
N PRO A 83 -8.81 -44.85 -9.60
CA PRO A 83 -9.01 -46.20 -9.07
C PRO A 83 -7.86 -46.62 -8.17
N GLN A 84 -8.07 -47.70 -7.44
CA GLN A 84 -7.04 -48.20 -6.53
C GLN A 84 -5.79 -48.62 -7.30
N GLY A 85 -4.64 -48.23 -6.78
CA GLY A 85 -3.36 -48.47 -7.41
C GLY A 85 -2.76 -47.27 -8.12
N GLN A 86 -3.55 -46.25 -8.41
CA GLN A 86 -3.07 -45.05 -9.06
C GLN A 86 -3.47 -43.86 -8.21
N LYS A 87 -2.53 -42.98 -7.93
CA LYS A 87 -2.78 -41.81 -7.10
C LYS A 87 -2.39 -40.57 -7.88
N GLY A 88 -3.00 -39.45 -7.51
CA GLY A 88 -2.80 -38.24 -8.28
C GLY A 88 -2.36 -37.06 -7.46
N LYS A 89 -1.34 -36.38 -7.94
CA LYS A 89 -0.80 -35.21 -7.27
C LYS A 89 -1.57 -33.97 -7.68
N VAL A 90 -1.72 -33.04 -6.75
CA VAL A 90 -2.31 -31.74 -7.00
C VAL A 90 -1.30 -30.68 -6.63
N VAL A 91 -1.19 -29.63 -7.42
CA VAL A 91 -0.28 -28.54 -7.15
C VAL A 91 -1.08 -27.27 -6.97
N PHE A 92 -0.67 -26.44 -6.03
CA PHE A 92 -1.33 -25.16 -5.78
C PHE A 92 -0.27 -24.08 -5.73
N PHE A 93 -0.35 -23.13 -6.66
CA PHE A 93 0.60 -22.03 -6.67
C PHE A 93 0.03 -20.86 -5.91
N ALA A 94 0.91 -19.95 -5.52
CA ALA A 94 0.48 -18.70 -4.91
C ALA A 94 1.73 -17.84 -4.80
N ASN A 95 1.67 -16.61 -5.27
CA ASN A 95 2.89 -15.87 -5.54
C ASN A 95 3.37 -15.00 -4.40
N GLN A 96 2.59 -14.83 -3.34
CA GLN A 96 3.00 -13.98 -2.23
C GLN A 96 2.97 -14.76 -0.93
N ILE A 97 3.99 -14.56 -0.10
CA ILE A 97 4.21 -15.44 1.04
C ILE A 97 3.04 -15.47 2.03
N PRO A 98 2.51 -14.33 2.50
CA PRO A 98 1.36 -14.43 3.40
C PRO A 98 0.19 -15.20 2.81
N VAL A 99 -0.07 -15.01 1.53
CA VAL A 99 -1.11 -15.75 0.84
C VAL A 99 -0.76 -17.23 0.80
N TYR A 100 0.51 -17.54 0.60
CA TYR A 100 0.94 -18.94 0.58
C TYR A 100 0.68 -19.61 1.92
N GLU A 101 1.03 -18.94 3.01
CA GLU A 101 0.79 -19.53 4.32
C GLU A 101 -0.69 -19.73 4.60
N GLN A 102 -1.52 -18.74 4.27
CA GLN A 102 -2.95 -18.88 4.53
C GLN A 102 -3.54 -20.03 3.73
N GLN A 103 -3.23 -20.10 2.44
CA GLN A 103 -3.76 -21.19 1.62
C GLN A 103 -3.24 -22.54 2.08
N LYS A 104 -1.95 -22.63 2.42
CA LYS A 104 -1.41 -23.90 2.88
C LYS A 104 -2.10 -24.38 4.14
N SER A 105 -2.34 -23.46 5.08
CA SER A 105 -3.03 -23.87 6.30
C SER A 105 -4.42 -24.38 5.99
N VAL A 106 -5.15 -23.70 5.11
CA VAL A 106 -6.51 -24.15 4.83
C VAL A 106 -6.47 -25.56 4.26
N PHE A 107 -5.58 -25.80 3.30
CA PHE A 107 -5.53 -27.12 2.69
C PHE A 107 -5.16 -28.17 3.73
N SER A 108 -4.20 -27.86 4.60
CA SER A 108 -3.77 -28.84 5.60
C SER A 108 -4.93 -29.23 6.49
N LYS A 109 -5.65 -28.24 7.01
CA LYS A 109 -6.74 -28.56 7.93
C LYS A 109 -7.82 -29.36 7.23
N TYR A 110 -8.17 -29.01 6.00
CA TYR A 110 -9.28 -29.69 5.36
C TYR A 110 -8.95 -31.15 5.05
N PHE A 111 -7.77 -31.42 4.50
CA PHE A 111 -7.47 -32.79 4.11
C PHE A 111 -6.69 -33.55 5.17
N GLU A 112 -6.59 -33.04 6.40
CA GLU A 112 -6.02 -33.83 7.48
C GLU A 112 -6.86 -35.07 7.78
N ARG A 113 -8.18 -34.93 7.80
CA ARG A 113 -9.03 -36.06 8.16
C ARG A 113 -8.91 -37.20 7.15
N HIS A 114 -8.99 -36.88 5.86
CA HIS A 114 -9.02 -37.96 4.86
C HIS A 114 -7.72 -38.75 4.81
N GLY A 115 -6.62 -38.13 5.21
CA GLY A 115 -5.34 -38.81 5.22
C GLY A 115 -4.45 -38.52 4.04
N TYR A 116 -4.91 -37.75 3.06
CA TYR A 116 -4.00 -37.27 2.03
C TYR A 116 -2.95 -36.38 2.67
N ARG A 117 -1.71 -36.44 2.20
CA ARG A 117 -0.61 -35.75 2.84
C ARG A 117 -0.22 -34.52 2.02
N VAL A 118 -0.27 -33.35 2.65
CA VAL A 118 -0.01 -32.07 2.00
C VAL A 118 1.36 -31.55 2.44
N THR A 119 1.96 -30.71 1.61
CA THR A 119 3.23 -30.12 2.01
C THR A 119 3.47 -28.83 1.26
N GLY A 120 4.59 -28.19 1.56
CA GLY A 120 4.98 -26.98 0.86
C GLY A 120 6.45 -26.84 0.60
N ILE A 121 6.80 -26.25 -0.53
CA ILE A 121 8.17 -25.89 -0.84
C ILE A 121 8.16 -24.40 -1.12
N SER A 122 9.02 -23.66 -0.47
CA SER A 122 9.07 -22.23 -0.67
C SER A 122 10.50 -21.77 -0.58
N GLY A 123 10.70 -20.46 -0.55
CA GLY A 123 12.05 -19.95 -0.40
C GLY A 123 12.54 -19.98 1.02
N ALA A 124 11.61 -20.01 1.98
CA ALA A 124 12.00 -19.98 3.39
C ALA A 124 12.59 -21.31 3.86
N THR A 125 12.21 -22.41 3.23
CA THR A 125 12.72 -23.70 3.65
C THR A 125 14.23 -23.74 3.54
N ALA A 126 14.87 -24.33 4.55
CA ALA A 126 16.32 -24.35 4.66
C ALA A 126 16.85 -25.75 4.38
N GLU A 127 17.85 -25.83 3.50
CA GLU A 127 18.48 -27.10 3.13
C GLU A 127 17.44 -28.15 2.79
N ASN A 128 16.50 -27.75 1.93
CA ASN A 128 15.37 -28.59 1.62
C ASN A 128 15.84 -29.93 1.10
N VAL A 129 15.17 -30.99 1.54
CA VAL A 129 15.49 -32.33 1.08
C VAL A 129 15.20 -32.32 -0.40
N PRO A 130 15.82 -33.18 -1.20
CA PRO A 130 15.70 -33.06 -2.66
C PRO A 130 14.26 -32.91 -3.10
N VAL A 131 14.02 -31.90 -3.95
CA VAL A 131 12.67 -31.63 -4.43
C VAL A 131 12.15 -32.80 -5.24
N GLU A 132 13.02 -33.46 -6.01
CA GLU A 132 12.62 -34.64 -6.75
C GLU A 132 11.98 -35.67 -5.84
N GLN A 133 12.51 -35.82 -4.63
CA GLN A 133 11.96 -36.82 -3.72
C GLN A 133 10.73 -36.28 -3.00
N ILE A 134 10.75 -35.00 -2.61
CA ILE A 134 9.64 -34.47 -1.81
C ILE A 134 8.37 -34.40 -2.62
N VAL A 135 8.50 -34.17 -3.94
CA VAL A 135 7.31 -34.16 -4.79
C VAL A 135 6.68 -35.54 -4.83
N GLU A 136 7.49 -36.59 -4.98
CA GLU A 136 6.95 -37.94 -5.08
C GLU A 136 6.40 -38.43 -3.75
N ASN A 137 7.02 -38.04 -2.64
CA ASN A 137 6.58 -38.53 -1.35
C ASN A 137 5.17 -38.06 -1.02
N ASN A 138 4.87 -36.80 -1.29
CA ASN A 138 3.65 -36.14 -0.85
C ASN A 138 2.68 -35.98 -2.01
N ASP A 139 1.38 -35.98 -1.72
CA ASP A 139 0.40 -35.93 -2.80
C ASP A 139 0.12 -34.50 -3.22
N ILE A 140 -0.27 -33.65 -2.30
CA ILE A 140 -0.60 -32.26 -2.60
C ILE A 140 0.61 -31.39 -2.29
N ILE A 141 1.07 -30.63 -3.27
CA ILE A 141 2.26 -29.81 -3.12
C ILE A 141 1.88 -28.36 -3.33
N ILE A 142 2.23 -27.50 -2.38
CA ILE A 142 1.99 -26.07 -2.51
C ILE A 142 3.33 -25.39 -2.76
N LEU A 143 3.45 -24.69 -3.89
CA LEU A 143 4.71 -24.09 -4.27
C LEU A 143 4.54 -22.61 -4.49
N THR A 144 5.61 -21.94 -4.49
CA THR A 144 5.65 -20.62 -5.07
C THR A 144 6.30 -20.73 -6.44
N PRO A 145 5.67 -20.25 -7.51
CA PRO A 145 5.95 -20.81 -8.83
C PRO A 145 7.39 -20.73 -9.25
N GLN A 146 8.12 -19.71 -8.81
CA GLN A 146 9.50 -19.61 -9.26
C GLN A 146 10.29 -20.84 -8.87
N ILE A 147 9.87 -21.58 -7.84
CA ILE A 147 10.51 -22.84 -7.52
C ILE A 147 10.33 -23.84 -8.65
N LEU A 148 9.10 -23.97 -9.13
CA LEU A 148 8.84 -24.95 -10.17
C LEU A 148 9.59 -24.60 -11.44
N VAL A 149 9.70 -23.31 -11.75
CA VAL A 149 10.50 -22.92 -12.91
C VAL A 149 11.97 -23.26 -12.70
N ASN A 150 12.48 -23.02 -11.48
CA ASN A 150 13.86 -23.38 -11.18
C ASN A 150 14.12 -24.84 -11.47
N ASN A 151 13.27 -25.70 -10.92
CA ASN A 151 13.49 -27.14 -11.08
C ASN A 151 13.31 -27.58 -12.52
N LEU A 152 12.31 -27.04 -13.22
CA LEU A 152 12.12 -27.40 -14.63
C LEU A 152 13.36 -27.09 -15.44
N LYS A 153 13.92 -25.89 -15.28
CA LYS A 153 15.09 -25.54 -16.06
C LYS A 153 16.31 -26.35 -15.64
N LYS A 154 16.46 -26.62 -14.34
CA LYS A 154 17.63 -27.36 -13.87
C LYS A 154 17.62 -28.80 -14.38
N GLY A 155 16.46 -29.45 -14.35
CA GLY A 155 16.35 -30.83 -14.77
C GLY A 155 16.11 -31.83 -13.67
N THR A 156 15.81 -31.40 -12.45
CA THR A 156 15.49 -32.35 -11.38
C THR A 156 14.09 -32.94 -11.56
N ILE A 157 13.10 -32.11 -11.92
CA ILE A 157 11.81 -32.61 -12.38
C ILE A 157 11.92 -32.78 -13.90
N PRO A 158 11.84 -33.97 -14.42
CA PRO A 158 11.98 -34.14 -15.87
C PRO A 158 10.86 -33.47 -16.66
N SER A 159 9.61 -33.91 -16.45
CA SER A 159 8.52 -33.51 -17.33
C SER A 159 7.28 -33.22 -16.52
N LEU A 160 6.55 -32.18 -16.92
CA LEU A 160 5.36 -31.80 -16.18
C LEU A 160 4.30 -32.87 -16.14
N SER A 161 4.52 -34.03 -16.73
CA SER A 161 3.48 -35.03 -16.74
C SER A 161 3.21 -35.63 -15.37
N ILE A 162 4.11 -35.42 -14.40
CA ILE A 162 3.93 -36.02 -13.09
C ILE A 162 2.66 -35.52 -12.45
N PHE A 163 2.44 -34.21 -12.47
CA PHE A 163 1.27 -33.66 -11.83
C PHE A 163 0.02 -33.94 -12.67
N THR A 164 -1.12 -33.99 -12.00
CA THR A 164 -2.39 -34.25 -12.67
C THR A 164 -3.46 -33.24 -12.31
N LEU A 165 -3.07 -32.09 -11.81
CA LEU A 165 -3.97 -30.96 -11.63
C LEU A 165 -3.14 -29.75 -11.28
N MET A 166 -3.35 -28.63 -11.94
CA MET A 166 -2.68 -27.41 -11.55
C MET A 166 -3.73 -26.38 -11.22
N ILE A 167 -3.54 -25.66 -10.13
CA ILE A 167 -4.46 -24.61 -9.72
C ILE A 167 -3.67 -23.32 -9.58
N PHE A 168 -4.14 -22.27 -10.23
CA PHE A 168 -3.52 -20.96 -10.15
C PHE A 168 -4.42 -20.04 -9.35
N ASP A 169 -3.86 -19.37 -8.35
CA ASP A 169 -4.68 -18.58 -7.46
C ASP A 169 -4.84 -17.15 -7.91
N GLU A 170 -4.15 -16.73 -8.95
CA GLU A 170 -4.46 -15.46 -9.61
C GLU A 170 -4.37 -15.77 -11.10
N CYS A 171 -5.49 -16.13 -11.70
CA CYS A 171 -5.45 -16.35 -13.13
C CYS A 171 -5.04 -15.08 -13.86
N HIS A 172 -5.22 -13.92 -13.24
CA HIS A 172 -4.98 -12.67 -13.97
C HIS A 172 -3.50 -12.41 -14.16
N ASN A 173 -2.64 -13.05 -13.40
CA ASN A 173 -1.23 -12.76 -13.55
C ASN A 173 -0.59 -13.50 -14.70
N THR A 174 -1.28 -14.44 -15.33
CA THR A 174 -0.59 -15.26 -16.31
C THR A 174 -0.54 -14.49 -17.62
N SER A 175 0.55 -13.78 -17.83
CA SER A 175 0.76 -13.03 -19.05
C SER A 175 2.22 -12.62 -19.11
N LYS A 176 2.61 -11.98 -20.21
CA LYS A 176 3.94 -11.44 -20.40
C LYS A 176 4.96 -12.51 -20.03
N GLN A 177 5.89 -12.27 -19.11
CA GLN A 177 6.90 -13.24 -18.72
C GLN A 177 6.82 -13.60 -17.25
N HIS A 178 5.66 -13.46 -16.63
CA HIS A 178 5.50 -13.81 -15.24
C HIS A 178 5.69 -15.31 -15.07
N PRO A 179 6.19 -15.77 -13.91
CA PRO A 179 6.52 -17.19 -13.80
C PRO A 179 5.36 -18.12 -14.06
N TYR A 180 4.13 -17.72 -13.71
CA TYR A 180 2.98 -18.52 -14.12
C TYR A 180 3.03 -18.79 -15.61
N ASN A 181 3.31 -17.75 -16.38
CA ASN A 181 3.28 -17.92 -17.82
C ASN A 181 4.45 -18.77 -18.27
N MET A 182 5.56 -18.81 -17.54
CA MET A 182 6.63 -19.67 -18.01
C MET A 182 6.30 -21.13 -17.78
N ILE A 183 5.60 -21.42 -16.69
CA ILE A 183 5.10 -22.77 -16.51
C ILE A 183 4.17 -23.13 -17.65
N MET A 184 3.25 -22.22 -17.98
CA MET A 184 2.30 -22.53 -19.04
C MET A 184 2.99 -22.62 -20.40
N PHE A 185 4.06 -21.85 -20.62
CA PHE A 185 4.78 -21.98 -21.88
C PHE A 185 5.32 -23.38 -22.02
N ASN A 186 5.91 -23.92 -20.95
CA ASN A 186 6.41 -25.29 -21.05
C ASN A 186 5.28 -26.26 -21.34
N TYR A 187 4.16 -26.09 -20.65
CA TYR A 187 3.01 -26.97 -20.90
C TYR A 187 2.55 -26.92 -22.35
N LEU A 188 2.34 -25.71 -22.88
CA LEU A 188 1.85 -25.59 -24.25
C LEU A 188 2.85 -26.14 -25.25
N ASP A 189 4.13 -25.87 -25.05
CA ASP A 189 5.13 -26.42 -25.94
C ASP A 189 5.04 -27.94 -25.94
N GLN A 190 4.82 -28.54 -24.79
CA GLN A 190 4.69 -29.99 -24.77
C GLN A 190 3.44 -30.45 -25.53
N LYS A 191 2.32 -29.74 -25.39
CA LYS A 191 1.11 -30.23 -26.06
C LYS A 191 1.15 -30.04 -27.57
N LEU A 192 1.56 -28.86 -28.04
CA LEU A 192 1.45 -28.58 -29.46
C LEU A 192 2.39 -29.45 -30.28
N GLY A 193 3.66 -29.52 -29.90
CA GLY A 193 4.58 -30.41 -30.57
C GLY A 193 4.18 -31.86 -30.34
N GLY A 194 4.30 -32.67 -31.38
CA GLY A 194 3.96 -34.07 -31.27
C GLY A 194 2.50 -34.32 -30.93
N GLY A 197 3.14 -37.46 -23.90
CA GLY A 197 2.56 -38.15 -22.77
C GLY A 197 1.27 -37.53 -22.28
N PRO A 198 0.78 -38.00 -21.14
CA PRO A 198 -0.40 -37.37 -20.54
C PRO A 198 -0.08 -35.97 -20.07
N LEU A 199 -1.09 -35.10 -20.09
CA LEU A 199 -0.88 -33.71 -19.71
C LEU A 199 -1.95 -33.28 -18.72
N PRO A 200 -1.58 -32.47 -17.73
CA PRO A 200 -2.45 -32.24 -16.58
C PRO A 200 -3.55 -31.25 -16.84
N GLN A 201 -4.63 -31.40 -16.10
CA GLN A 201 -5.72 -30.44 -16.11
C GLN A 201 -5.25 -29.10 -15.53
N VAL A 202 -5.86 -28.02 -15.99
CA VAL A 202 -5.48 -26.68 -15.54
C VAL A 202 -6.71 -25.90 -15.11
N ILE A 203 -6.68 -25.36 -13.90
CA ILE A 203 -7.74 -24.52 -13.39
C ILE A 203 -7.15 -23.15 -13.15
N GLY A 204 -8.02 -22.17 -13.02
CA GLY A 204 -7.58 -20.88 -12.54
C GLY A 204 -8.70 -20.21 -11.79
N LEU A 205 -8.35 -19.44 -10.76
CA LEU A 205 -9.34 -18.71 -10.01
C LEU A 205 -9.02 -17.23 -10.08
N THR A 206 -10.02 -16.39 -10.37
CA THR A 206 -9.79 -14.96 -10.39
C THR A 206 -11.07 -14.22 -10.10
N ALA A 207 -10.93 -12.98 -9.65
CA ALA A 207 -12.07 -12.12 -9.38
C ALA A 207 -12.18 -10.97 -10.35
N SER A 208 -11.27 -10.87 -11.31
CA SER A 208 -11.23 -9.75 -12.23
C SER A 208 -10.17 -10.05 -13.29
N VAL A 209 -10.58 -10.31 -14.52
CA VAL A 209 -9.62 -10.75 -15.52
C VAL A 209 -8.88 -9.61 -16.19
N GLY A 210 -9.40 -8.40 -16.12
CA GLY A 210 -8.65 -7.24 -16.57
C GLY A 210 -8.81 -6.97 -18.05
N VAL A 211 -8.61 -5.71 -18.43
CA VAL A 211 -8.86 -5.26 -19.78
C VAL A 211 -7.61 -4.77 -20.48
N GLY A 212 -6.46 -4.80 -19.83
CA GLY A 212 -5.24 -4.48 -20.56
C GLY A 212 -5.24 -3.06 -21.07
N ASP A 213 -5.06 -2.88 -22.38
CA ASP A 213 -5.01 -1.57 -22.99
C ASP A 213 -6.31 -1.21 -23.72
N ALA A 214 -7.41 -1.85 -23.37
CA ALA A 214 -8.63 -1.73 -24.14
C ALA A 214 -9.24 -0.35 -24.03
N LYS A 215 -9.79 0.13 -25.14
CA LYS A 215 -10.53 1.39 -25.20
C LYS A 215 -12.01 1.21 -25.47
N ASN A 216 -12.40 0.13 -26.12
CA ASN A 216 -13.80 -0.18 -26.36
C ASN A 216 -13.99 -1.68 -26.12
N THR A 217 -15.25 -2.11 -26.08
CA THR A 217 -15.55 -3.48 -25.70
C THR A 217 -14.82 -4.48 -26.59
N ASP A 218 -14.56 -4.12 -27.85
CA ASP A 218 -13.87 -5.03 -28.76
C ASP A 218 -12.46 -5.32 -28.28
N GLU A 219 -11.74 -4.31 -27.82
CA GLU A 219 -10.39 -4.55 -27.36
C GLU A 219 -10.39 -5.39 -26.09
N ALA A 220 -11.38 -5.20 -25.21
CA ALA A 220 -11.50 -6.06 -24.04
C ALA A 220 -11.69 -7.50 -24.45
N LEU A 221 -12.54 -7.77 -25.45
CA LEU A 221 -12.71 -9.14 -25.90
C LEU A 221 -11.40 -9.69 -26.44
N ASP A 222 -10.67 -8.86 -27.18
CA ASP A 222 -9.38 -9.31 -27.67
C ASP A 222 -8.50 -9.78 -26.53
N TYR A 223 -8.38 -8.95 -25.49
CA TYR A 223 -7.48 -9.29 -24.39
C TYR A 223 -7.96 -10.51 -23.61
N ILE A 224 -9.25 -10.59 -23.34
CA ILE A 224 -9.76 -11.71 -22.55
C ILE A 224 -9.54 -13.02 -23.29
N CYS A 225 -9.80 -13.04 -24.59
CA CYS A 225 -9.54 -14.27 -25.33
C CYS A 225 -8.06 -14.60 -25.31
N LYS A 226 -7.18 -13.60 -25.41
CA LYS A 226 -5.76 -13.92 -25.37
C LYS A 226 -5.37 -14.53 -24.03
N LEU A 227 -5.91 -14.00 -22.94
CA LEU A 227 -5.67 -14.60 -21.63
C LEU A 227 -6.10 -16.06 -21.62
N CYS A 228 -7.35 -16.32 -22.01
CA CYS A 228 -7.84 -17.69 -22.04
C CYS A 228 -6.93 -18.59 -22.85
N ALA A 229 -6.39 -18.05 -23.94
CA ALA A 229 -5.47 -18.84 -24.74
C ALA A 229 -4.19 -19.12 -23.99
N SER A 230 -3.78 -18.23 -23.10
CA SER A 230 -2.46 -18.41 -22.50
C SER A 230 -2.38 -19.65 -21.63
N LEU A 231 -3.43 -19.97 -20.87
CA LEU A 231 -3.39 -21.10 -19.95
C LEU A 231 -4.26 -22.27 -20.41
N ASP A 232 -4.41 -22.44 -21.72
CA ASP A 232 -5.15 -23.58 -22.28
C ASP A 232 -6.59 -23.60 -21.78
N ALA A 233 -7.20 -22.43 -21.68
CA ALA A 233 -8.56 -22.38 -21.19
C ALA A 233 -9.53 -22.94 -22.20
N SER A 234 -10.72 -23.27 -21.73
CA SER A 234 -11.79 -23.70 -22.60
C SER A 234 -13.17 -23.23 -22.16
N VAL A 235 -13.38 -22.99 -20.87
CA VAL A 235 -14.65 -22.52 -20.37
C VAL A 235 -14.39 -21.45 -19.33
N ILE A 236 -15.15 -20.36 -19.38
CA ILE A 236 -15.18 -19.37 -18.34
C ILE A 236 -16.46 -19.57 -17.56
N ALA A 237 -16.37 -19.81 -16.26
CA ALA A 237 -17.53 -20.15 -15.45
C ALA A 237 -17.81 -19.04 -14.47
N THR A 238 -19.04 -18.52 -14.51
CA THR A 238 -19.46 -17.42 -13.67
C THR A 238 -20.84 -17.73 -13.14
N VAL A 239 -21.19 -17.13 -12.00
CA VAL A 239 -22.49 -17.39 -11.42
C VAL A 239 -23.54 -16.73 -12.28
N LYS A 240 -24.52 -17.52 -12.71
CA LYS A 240 -25.68 -17.01 -13.44
C LYS A 240 -26.98 -17.48 -12.83
N HIS A 241 -27.11 -18.78 -12.56
CA HIS A 241 -28.37 -19.29 -12.03
C HIS A 241 -28.66 -18.70 -10.67
N ASN A 242 -27.69 -18.70 -9.77
CA ASN A 242 -27.95 -18.43 -8.35
C ASN A 242 -27.59 -17.01 -7.95
N LEU A 243 -27.64 -16.07 -8.89
CA LEU A 243 -27.21 -14.70 -8.62
C LEU A 243 -27.97 -14.08 -7.45
N GLU A 244 -29.23 -14.46 -7.27
CA GLU A 244 -30.01 -13.90 -6.18
C GLU A 244 -29.38 -14.21 -4.84
N GLU A 245 -28.96 -15.46 -4.65
CA GLU A 245 -28.30 -15.80 -3.39
C GLU A 245 -26.94 -15.12 -3.27
N LEU A 246 -26.17 -15.10 -4.35
CA LEU A 246 -24.85 -14.50 -4.30
C LEU A 246 -24.92 -13.07 -3.83
N GLU A 247 -26.03 -12.37 -4.11
CA GLU A 247 -26.11 -10.99 -3.65
C GLU A 247 -26.30 -10.90 -2.14
N GLN A 248 -27.07 -11.80 -1.54
CA GLN A 248 -27.36 -11.64 -0.12
C GLN A 248 -26.15 -11.89 0.75
N VAL A 249 -25.34 -12.89 0.42
CA VAL A 249 -24.23 -13.27 1.28
C VAL A 249 -23.03 -12.36 1.10
N VAL A 250 -22.70 -12.02 -0.14
CA VAL A 250 -21.54 -11.20 -0.45
C VAL A 250 -21.96 -9.74 -0.51
N TYR A 251 -21.23 -8.88 0.18
CA TYR A 251 -21.55 -7.45 0.23
C TYR A 251 -20.52 -6.67 -0.56
N LYS A 252 -21.00 -5.81 -1.45
CA LYS A 252 -20.10 -4.94 -2.21
C LYS A 252 -19.87 -3.67 -1.41
N PRO A 253 -18.65 -3.40 -0.99
CA PRO A 253 -18.40 -2.19 -0.21
C PRO A 253 -18.62 -0.94 -1.04
N GLN A 254 -19.09 0.12 -0.40
CA GLN A 254 -19.23 1.40 -1.09
C GLN A 254 -17.88 2.08 -1.20
N LYS A 255 -17.77 2.99 -2.15
CA LYS A 255 -16.53 3.70 -2.42
C LYS A 255 -16.76 5.20 -2.18
N PHE A 256 -15.72 5.90 -1.74
CA PHE A 256 -15.83 7.34 -1.57
C PHE A 256 -14.50 8.00 -1.92
N PHE A 257 -14.56 9.27 -2.32
CA PHE A 257 -13.39 10.01 -2.75
C PHE A 257 -13.20 11.24 -1.88
N ARG A 258 -11.98 11.45 -1.38
CA ARG A 258 -11.67 12.62 -0.55
C ARG A 258 -10.52 13.41 -1.17
N LYS A 259 -10.85 14.61 -1.63
CA LYS A 259 -9.89 15.53 -2.22
C LYS A 259 -9.46 16.52 -1.15
N VAL A 260 -8.16 16.77 -1.04
CA VAL A 260 -7.63 17.58 0.04
C VAL A 260 -6.90 18.78 -0.53
N GLU A 261 -7.25 19.96 -0.03
CA GLU A 261 -6.58 21.19 -0.41
C GLU A 261 -5.10 21.15 -0.03
N SER A 262 -4.24 21.64 -0.91
CA SER A 262 -2.87 21.81 -0.48
C SER A 262 -2.76 23.03 0.41
N ARG A 263 -1.58 23.23 1.00
CA ARG A 263 -1.39 24.36 1.91
C ARG A 263 -1.49 25.67 1.15
N ILE A 264 -1.99 26.70 1.84
CA ILE A 264 -1.95 28.04 1.27
C ILE A 264 -0.50 28.49 1.12
N SER A 265 0.30 28.36 2.18
CA SER A 265 1.70 28.76 2.15
C SER A 265 2.49 27.85 3.07
N ASP A 266 3.64 27.37 2.58
CA ASP A 266 4.50 26.47 3.33
C ASP A 266 5.85 27.11 3.53
N LYS A 267 6.30 27.17 4.79
CA LYS A 267 7.61 27.72 5.09
C LYS A 267 8.73 26.74 4.73
N PHE A 268 8.53 25.46 5.02
CA PHE A 268 9.54 24.44 4.76
C PHE A 268 9.92 24.43 3.29
N LYS A 269 8.92 24.44 2.41
CA LYS A 269 9.19 24.41 0.98
C LYS A 269 9.96 25.64 0.55
N TYR A 270 9.58 26.81 1.07
CA TYR A 270 10.28 28.03 0.68
C TYR A 270 11.76 27.96 1.04
N ILE A 271 12.05 27.59 2.28
CA ILE A 271 13.43 27.58 2.74
C ILE A 271 14.25 26.58 1.93
N ILE A 272 13.72 25.37 1.77
CA ILE A 272 14.52 24.36 1.10
C ILE A 272 14.69 24.70 -0.36
N ALA A 273 13.67 25.24 -1.01
CA ALA A 273 13.79 25.60 -2.41
C ALA A 273 14.84 26.68 -2.61
N GLN A 274 14.87 27.67 -1.71
CA GLN A 274 15.90 28.70 -1.82
C GLN A 274 17.29 28.07 -1.69
N LEU A 275 17.45 27.13 -0.76
CA LEU A 275 18.73 26.43 -0.66
C LEU A 275 19.07 25.71 -1.96
N MET A 276 18.07 25.06 -2.57
CA MET A 276 18.30 24.34 -3.80
C MET A 276 18.76 25.28 -4.90
N ARG A 277 18.13 26.45 -4.99
CA ARG A 277 18.50 27.43 -6.02
C ARG A 277 19.92 27.93 -5.82
N ASP A 278 20.31 28.18 -4.56
CA ASP A 278 21.69 28.57 -4.32
C ASP A 278 22.65 27.51 -4.81
N THR A 279 22.37 26.25 -4.48
CA THR A 279 23.24 25.18 -4.92
C THR A 279 23.26 25.08 -6.43
N GLU A 280 22.11 25.34 -7.07
CA GLU A 280 22.04 25.27 -8.52
C GLU A 280 22.90 26.34 -9.16
N SER A 281 22.93 27.55 -8.59
CA SER A 281 23.81 28.60 -9.11
C SER A 281 25.28 28.23 -8.98
N LEU A 282 25.67 27.66 -7.83
CA LEU A 282 27.03 27.17 -7.70
C LEU A 282 27.34 26.13 -8.76
N ALA A 283 26.38 25.24 -9.01
CA ALA A 283 26.58 24.24 -10.06
C ALA A 283 26.77 24.91 -11.40
N LYS A 284 25.97 25.96 -11.67
CA LYS A 284 26.04 26.66 -12.94
C LYS A 284 27.42 27.22 -13.18
N ARG A 285 28.03 27.77 -12.15
CA ARG A 285 29.28 28.52 -12.34
C ARG A 285 30.38 27.65 -12.94
N ILE A 286 30.66 26.49 -12.35
CA ILE A 286 31.92 25.82 -12.64
C ILE A 286 31.93 25.21 -14.04
N CYS A 287 30.78 24.66 -14.46
CA CYS A 287 30.69 24.03 -15.82
C CYS A 287 30.21 25.07 -16.83
N LYS A 288 30.72 25.01 -18.07
CA LYS A 288 30.36 26.03 -19.08
C LYS A 288 28.85 25.97 -19.38
N ASP A 289 28.31 24.76 -19.57
CA ASP A 289 26.86 24.59 -19.85
C ASP A 289 26.28 23.46 -18.98
N LEU A 290 25.17 23.71 -18.29
CA LEU A 290 24.51 22.66 -17.48
C LEU A 290 23.18 22.28 -18.14
N GLU A 291 22.51 23.25 -18.77
CA GLU A 291 21.17 23.00 -19.37
C GLU A 291 21.23 22.01 -20.53
N ASN A 292 22.26 22.09 -21.38
CA ASN A 292 22.34 21.22 -22.59
C ASN A 292 22.41 19.74 -22.23
N LEU A 293 23.14 19.38 -21.16
CA LEU A 293 23.34 17.96 -20.79
C LEU A 293 22.03 17.16 -20.79
N SER A 294 20.88 17.80 -20.57
CA SER A 294 19.64 17.04 -20.47
C SER A 294 18.52 17.73 -21.21
N GLN A 295 17.82 16.98 -22.05
CA GLN A 295 16.74 17.53 -22.83
C GLN A 295 15.56 17.98 -21.99
N ILE A 296 15.45 17.48 -20.76
CA ILE A 296 14.26 17.74 -19.95
C ILE A 296 14.18 19.22 -19.61
N GLN A 297 12.96 19.75 -19.63
CA GLN A 297 12.76 21.19 -19.57
C GLN A 297 11.56 21.53 -18.71
N ASN A 298 11.49 22.80 -18.32
CA ASN A 298 10.42 23.32 -17.48
C ASN A 298 10.33 22.53 -16.17
N ARG A 299 11.48 22.23 -15.60
CA ARG A 299 11.54 21.44 -14.37
C ARG A 299 10.95 22.20 -13.20
N GLU A 300 10.23 21.48 -12.34
CA GLU A 300 9.69 22.03 -11.11
C GLU A 300 10.37 21.36 -9.94
N PHE A 301 10.46 22.05 -8.81
CA PHE A 301 11.34 21.59 -7.74
C PHE A 301 10.80 20.34 -7.05
N GLY A 302 9.49 20.24 -6.87
CA GLY A 302 8.98 19.11 -6.11
C GLY A 302 8.62 17.85 -6.88
N THR A 303 8.87 17.77 -8.19
CA THR A 303 8.37 16.67 -8.99
C THR A 303 9.41 15.56 -9.13
N GLN A 304 8.98 14.46 -9.73
CA GLN A 304 9.90 13.41 -10.13
C GLN A 304 10.70 13.79 -11.37
N LYS A 305 10.14 14.66 -12.21
CA LYS A 305 10.84 15.16 -13.39
C LYS A 305 12.17 15.77 -13.01
N TYR A 306 12.18 16.55 -11.93
CA TYR A 306 13.44 17.12 -11.46
C TYR A 306 14.41 16.03 -11.07
N GLU A 307 13.92 14.96 -10.45
CA GLU A 307 14.81 13.87 -10.09
C GLU A 307 15.45 13.29 -11.34
N GLN A 308 14.67 13.11 -12.40
CA GLN A 308 15.25 12.60 -13.63
C GLN A 308 16.29 13.55 -14.18
N TRP A 309 16.03 14.85 -14.10
CA TRP A 309 17.01 15.81 -14.59
C TRP A 309 18.33 15.68 -13.84
N ILE A 310 18.25 15.64 -12.51
CA ILE A 310 19.46 15.63 -11.72
C ILE A 310 20.26 14.37 -12.00
N VAL A 311 19.59 13.24 -12.10
CA VAL A 311 20.32 12.00 -12.33
C VAL A 311 20.97 12.02 -13.71
N THR A 312 20.26 12.50 -14.72
CA THR A 312 20.89 12.56 -16.03
C THR A 312 22.10 13.48 -16.03
N VAL A 313 22.03 14.57 -15.27
CA VAL A 313 23.18 15.46 -15.19
C VAL A 313 24.34 14.78 -14.49
N GLN A 314 24.08 14.03 -13.42
CA GLN A 314 25.16 13.25 -12.82
C GLN A 314 25.83 12.39 -13.87
N LYS A 315 25.04 11.62 -14.58
CA LYS A 315 25.59 10.63 -15.49
C LYS A 315 26.17 11.24 -16.75
N ALA A 316 25.88 12.51 -17.02
CA ALA A 316 26.54 13.16 -18.14
C ALA A 316 27.85 13.82 -17.73
N CYS A 317 27.86 14.51 -16.58
CA CYS A 317 29.09 15.13 -16.12
C CYS A 317 30.15 14.07 -15.84
N MET A 318 29.74 12.91 -15.32
CA MET A 318 30.70 11.89 -14.95
C MET A 318 31.55 11.44 -16.13
N VAL A 319 31.09 11.65 -17.36
CA VAL A 319 31.79 11.17 -18.53
C VAL A 319 32.59 12.28 -19.21
N PHE A 320 32.58 13.49 -18.67
CA PHE A 320 33.40 14.56 -19.21
C PHE A 320 34.88 14.21 -19.05
N GLN A 321 35.64 14.39 -20.12
CA GLN A 321 37.05 14.02 -20.12
C GLN A 321 37.89 15.18 -20.66
N MET A 322 39.10 15.29 -20.13
CA MET A 322 40.03 16.33 -20.50
C MET A 322 41.37 15.71 -20.87
N PRO A 323 42.17 16.37 -21.72
CA PRO A 323 43.48 15.85 -22.06
C PRO A 323 44.57 16.35 -21.11
N LYS A 325 45.17 16.45 -17.06
CA LYS A 325 44.25 15.35 -16.76
C LYS A 325 44.02 15.21 -15.27
N ASP A 326 44.62 16.11 -14.49
CA ASP A 326 44.34 16.18 -13.06
C ASP A 326 43.48 17.37 -12.70
N GLU A 327 43.44 18.39 -13.53
CA GLU A 327 42.65 19.58 -13.25
C GLU A 327 41.17 19.26 -13.19
N GLU A 328 40.68 18.44 -14.13
CA GLU A 328 39.26 18.12 -14.21
C GLU A 328 38.78 17.27 -13.04
N SER A 329 39.70 16.66 -12.28
CA SER A 329 39.27 15.87 -11.14
C SER A 329 38.52 16.74 -10.15
N ARG A 330 39.01 17.97 -9.95
CA ARG A 330 38.30 18.93 -9.10
C ARG A 330 36.91 19.24 -9.66
N ILE A 331 36.80 19.40 -10.98
CA ILE A 331 35.51 19.67 -11.58
C ILE A 331 34.54 18.51 -11.35
N CYS A 332 35.01 17.29 -11.60
CA CYS A 332 34.16 16.13 -11.41
C CYS A 332 33.73 15.99 -9.97
N LYS A 333 34.67 16.18 -9.03
CA LYS A 333 34.33 16.07 -7.62
C LYS A 333 33.31 17.14 -7.22
N ALA A 334 33.49 18.35 -7.73
CA ALA A 334 32.56 19.41 -7.39
C ALA A 334 31.16 19.11 -7.90
N LEU A 335 31.06 18.71 -9.18
CA LEU A 335 29.75 18.42 -9.74
C LEU A 335 29.09 17.26 -9.01
N PHE A 336 29.87 16.24 -8.70
CA PHE A 336 29.36 15.15 -7.88
C PHE A 336 28.71 15.69 -6.62
N LEU A 337 29.40 16.59 -5.93
CA LEU A 337 28.91 17.05 -4.63
C LEU A 337 27.67 17.93 -4.79
N TYR A 338 27.70 18.88 -5.71
CA TYR A 338 26.55 19.77 -5.87
C TYR A 338 25.31 18.98 -6.30
N THR A 339 25.48 18.08 -7.27
CA THR A 339 24.36 17.29 -7.74
C THR A 339 23.82 16.40 -6.62
N SER A 340 24.71 15.77 -5.87
CA SER A 340 24.28 14.87 -4.81
C SER A 340 23.44 15.61 -3.78
N HIS A 341 23.93 16.76 -3.34
CA HIS A 341 23.16 17.45 -2.31
C HIS A 341 21.87 18.01 -2.86
N LEU A 342 21.87 18.44 -4.13
CA LEU A 342 20.64 18.91 -4.75
C LEU A 342 19.58 17.81 -4.78
N ARG A 343 19.99 16.63 -5.21
CA ARG A 343 19.07 15.51 -5.27
C ARG A 343 18.54 15.17 -3.89
N LYS A 344 19.40 15.21 -2.88
CA LYS A 344 18.96 14.87 -1.53
C LYS A 344 17.96 15.88 -1.01
N TYR A 345 18.13 17.16 -1.33
CA TYR A 345 17.10 18.14 -0.97
C TYR A 345 15.79 17.82 -1.67
N ASN A 346 15.86 17.42 -2.94
CA ASN A 346 14.64 17.07 -3.68
C ASN A 346 13.89 15.96 -2.98
N ASP A 347 14.61 14.89 -2.64
CA ASP A 347 13.99 13.78 -1.93
C ASP A 347 13.39 14.25 -0.63
N ALA A 348 14.03 15.21 0.03
CA ALA A 348 13.46 15.77 1.25
C ALA A 348 12.11 16.42 0.97
N LEU A 349 12.02 17.17 -0.11
CA LEU A 349 10.75 17.82 -0.41
C LEU A 349 9.64 16.80 -0.66
N ILE A 350 9.96 15.74 -1.40
CA ILE A 350 8.94 14.73 -1.66
C ILE A 350 8.49 14.07 -0.38
N ILE A 351 9.46 13.61 0.42
CA ILE A 351 9.13 12.94 1.67
C ILE A 351 8.28 13.86 2.53
N SER A 352 8.59 15.16 2.52
CA SER A 352 7.79 16.12 3.25
C SER A 352 6.37 16.18 2.72
N GLU A 353 6.21 16.05 1.40
CA GLU A 353 4.86 16.09 0.87
C GLU A 353 4.02 14.94 1.41
N HIS A 354 4.60 13.74 1.46
CA HIS A 354 3.78 12.57 1.81
C HIS A 354 3.81 12.21 3.30
N ALA A 355 4.65 12.85 4.11
CA ALA A 355 4.76 12.50 5.52
C ALA A 355 4.76 13.77 6.35
N ARG A 356 4.89 13.63 7.66
CA ARG A 356 4.99 14.79 8.51
C ARG A 356 6.33 15.47 8.33
N MET A 357 6.34 16.80 8.53
CA MET A 357 7.52 17.61 8.23
C MET A 357 8.74 17.14 9.01
N LYS A 358 8.52 16.73 10.26
CA LYS A 358 9.61 16.23 11.07
C LYS A 358 10.36 15.12 10.36
N ASP A 359 9.66 14.28 9.61
CA ASP A 359 10.33 13.19 8.94
C ASP A 359 11.32 13.70 7.92
N ALA A 360 10.94 14.71 7.15
CA ALA A 360 11.85 15.26 6.15
C ALA A 360 13.05 15.91 6.82
N LEU A 361 12.81 16.64 7.90
CA LEU A 361 13.93 17.24 8.60
C LEU A 361 14.88 16.17 9.13
N ASP A 362 14.33 15.07 9.64
CA ASP A 362 15.16 13.97 10.10
C ASP A 362 15.97 13.37 8.96
N TYR A 363 15.34 13.20 7.79
CA TYR A 363 16.06 12.65 6.65
C TYR A 363 17.27 13.51 6.32
N LEU A 364 17.05 14.82 6.21
CA LEU A 364 18.15 15.71 5.86
C LEU A 364 19.24 15.72 6.93
N LYS A 365 18.84 15.80 8.20
CA LYS A 365 19.81 15.83 9.28
C LYS A 365 20.63 14.55 9.30
N ASP A 366 19.99 13.40 9.08
CA ASP A 366 20.72 12.15 9.05
C ASP A 366 21.70 12.11 7.90
N PHE A 367 21.30 12.60 6.72
CA PHE A 367 22.22 12.59 5.60
C PHE A 367 23.45 13.43 5.91
N PHE A 368 23.24 14.61 6.49
CA PHE A 368 24.40 15.47 6.75
C PHE A 368 25.28 14.91 7.85
N SER A 369 24.71 14.25 8.85
CA SER A 369 25.53 13.61 9.86
C SER A 369 26.38 12.52 9.24
N ASN A 370 25.79 11.69 8.39
CA ASN A 370 26.51 10.53 7.86
C ASN A 370 27.40 10.91 6.67
N VAL A 371 26.77 11.31 5.58
CA VAL A 371 27.48 11.76 4.39
C VAL A 371 28.42 10.70 3.85
N GLU A 378 36.14 21.33 2.70
CA GLU A 378 36.29 21.90 1.37
C GLU A 378 34.94 22.43 0.87
N ILE A 379 34.49 21.93 -0.28
CA ILE A 379 33.15 22.27 -0.74
C ILE A 379 32.11 21.72 0.23
N GLU A 380 32.36 20.51 0.74
CA GLU A 380 31.43 19.90 1.69
C GLU A 380 31.22 20.79 2.89
N GLN A 381 32.30 21.39 3.40
CA GLN A 381 32.13 22.28 4.55
C GLN A 381 31.40 23.55 4.16
N ASP A 382 31.59 24.03 2.93
CA ASP A 382 30.82 25.18 2.48
C ASP A 382 29.33 24.89 2.54
N LEU A 383 28.92 23.75 1.98
CA LEU A 383 27.48 23.46 1.98
C LEU A 383 26.99 23.00 3.35
N THR A 384 27.86 22.41 4.17
CA THR A 384 27.47 22.12 5.54
C THR A 384 27.14 23.40 6.28
N GLN A 385 27.98 24.42 6.12
CA GLN A 385 27.65 25.70 6.70
C GLN A 385 26.36 26.24 6.12
N ARG A 386 26.19 26.08 4.80
CA ARG A 386 25.00 26.62 4.16
C ARG A 386 23.72 25.97 4.67
N PHE A 387 23.80 24.72 5.12
CA PHE A 387 22.62 24.10 5.72
C PHE A 387 22.47 24.50 7.19
N GLU A 388 23.55 24.38 7.98
CA GLU A 388 23.50 24.77 9.38
C GLU A 388 23.14 26.24 9.55
N GLU A 389 23.38 27.06 8.53
CA GLU A 389 23.02 28.47 8.60
C GLU A 389 21.54 28.65 8.86
N LYS A 390 20.72 27.74 8.36
CA LYS A 390 19.27 27.87 8.43
C LYS A 390 18.61 26.86 9.36
N LEU A 391 19.37 25.92 9.91
CA LEU A 391 18.79 24.74 10.53
C LEU A 391 17.84 25.10 11.66
N GLN A 392 18.16 26.14 12.42
CA GLN A 392 17.31 26.51 13.54
C GLN A 392 15.93 26.97 13.06
N GLU A 393 15.88 27.66 11.93
CA GLU A 393 14.58 28.07 11.40
C GLU A 393 13.73 26.87 11.04
N LEU A 394 14.34 25.86 10.40
CA LEU A 394 13.60 24.66 10.06
C LEU A 394 13.11 23.95 11.31
N GLU A 395 13.94 23.88 12.34
CA GLU A 395 13.50 23.26 13.58
C GLU A 395 12.33 24.02 14.19
N SER A 396 12.35 25.35 14.11
CA SER A 396 11.23 26.13 14.62
C SER A 396 9.95 25.81 13.87
N VAL A 397 9.98 25.87 12.54
CA VAL A 397 8.74 25.69 11.79
C VAL A 397 8.23 24.27 11.90
N SER A 398 9.13 23.30 12.11
CA SER A 398 8.69 21.92 12.20
C SER A 398 7.72 21.71 13.35
N ARG A 399 7.97 22.34 14.49
CA ARG A 399 7.22 22.05 15.69
C ARG A 399 6.00 22.95 15.89
N ASP A 400 5.70 23.84 14.95
CA ASP A 400 4.53 24.70 15.07
C ASP A 400 3.32 23.95 14.52
N PRO A 401 2.37 23.54 15.35
CA PRO A 401 1.32 22.62 14.89
C PRO A 401 0.42 23.17 13.80
N SER A 402 0.33 24.49 13.62
CA SER A 402 -0.59 25.00 12.61
C SER A 402 -0.16 24.68 11.19
N ASN A 403 1.08 24.24 10.99
CA ASN A 403 1.56 23.84 9.68
C ASN A 403 1.58 22.32 9.52
N GLU A 404 0.67 21.63 10.20
CA GLU A 404 0.59 20.18 10.06
C GLU A 404 0.10 19.81 8.68
N ASN A 405 0.63 18.72 8.13
CA ASN A 405 0.34 18.35 6.76
C ASN A 405 -1.14 18.06 6.57
N PRO A 406 -1.82 18.73 5.65
CA PRO A 406 -3.28 18.61 5.57
C PRO A 406 -3.78 17.22 5.28
N LYS A 407 -3.04 16.42 4.49
CA LYS A 407 -3.48 15.06 4.23
C LYS A 407 -3.56 14.26 5.51
N LEU A 408 -2.50 14.31 6.32
CA LEU A 408 -2.51 13.57 7.57
C LEU A 408 -3.60 14.07 8.50
N GLU A 409 -3.90 15.36 8.45
CA GLU A 409 -5.01 15.86 9.23
C GLU A 409 -6.33 15.24 8.79
N ASP A 410 -6.52 15.13 7.48
CA ASP A 410 -7.76 14.50 7.03
C ASP A 410 -7.80 13.04 7.45
N LEU A 411 -6.66 12.36 7.40
CA LEU A 411 -6.64 10.97 7.84
C LEU A 411 -7.04 10.88 9.30
N CYS A 412 -6.55 11.80 10.12
CA CYS A 412 -6.96 11.79 11.52
C CYS A 412 -8.45 12.03 11.66
N PHE A 413 -9.00 12.97 10.90
CA PHE A 413 -10.43 13.26 11.02
C PHE A 413 -11.27 12.06 10.63
N ILE A 414 -10.92 11.41 9.53
CA ILE A 414 -11.70 10.26 9.05
C ILE A 414 -11.61 9.10 10.03
N LEU A 415 -10.41 8.80 10.52
CA LEU A 415 -10.28 7.70 11.48
C LEU A 415 -11.10 7.98 12.72
N GLN A 416 -11.00 9.21 13.24
CA GLN A 416 -11.69 9.55 14.47
C GLN A 416 -13.20 9.43 14.32
N GLU A 417 -13.75 9.98 13.24
CA GLU A 417 -15.20 9.87 13.05
C GLU A 417 -15.63 8.42 12.89
N GLU A 418 -14.91 7.65 12.08
CA GLU A 418 -15.34 6.29 11.81
C GLU A 418 -15.29 5.44 13.08
N TYR A 419 -14.20 5.55 13.84
CA TYR A 419 -14.08 4.76 15.06
C TYR A 419 -15.05 5.23 16.13
N HIS A 420 -15.39 6.52 16.15
CA HIS A 420 -16.43 6.96 17.08
C HIS A 420 -17.78 6.35 16.71
N LEU A 421 -18.04 6.21 15.42
CA LEU A 421 -19.35 5.69 15.02
C LEU A 421 -19.56 4.28 15.54
N ASN A 422 -18.63 3.39 15.27
CA ASN A 422 -18.71 2.00 15.68
C ASN A 422 -17.45 1.64 16.44
N PRO A 423 -17.51 1.47 17.76
CA PRO A 423 -16.27 1.31 18.54
C PRO A 423 -15.48 0.09 18.17
N GLU A 424 -16.09 -0.92 17.58
CA GLU A 424 -15.41 -2.16 17.22
C GLU A 424 -15.27 -2.17 15.70
N THR A 425 -14.07 -1.84 15.22
CA THR A 425 -13.78 -1.86 13.80
C THR A 425 -12.30 -2.11 13.57
N ILE A 426 -11.97 -2.58 12.38
CA ILE A 426 -10.62 -2.93 12.02
C ILE A 426 -10.33 -2.32 10.65
N THR A 427 -9.21 -1.62 10.53
CA THR A 427 -8.93 -0.81 9.35
C THR A 427 -7.67 -1.30 8.67
N ILE A 428 -7.65 -1.27 7.34
CA ILE A 428 -6.45 -1.54 6.58
C ILE A 428 -6.06 -0.25 5.87
N LEU A 429 -4.77 0.04 5.84
CA LEU A 429 -4.30 1.31 5.30
C LEU A 429 -3.18 1.01 4.33
N PHE A 430 -3.42 1.29 3.04
CA PHE A 430 -2.52 0.91 1.98
C PHE A 430 -1.66 2.09 1.60
N VAL A 431 -0.35 1.87 1.55
CA VAL A 431 0.61 2.92 1.28
C VAL A 431 1.53 2.44 0.18
N LYS A 432 2.10 3.38 -0.56
CA LYS A 432 2.84 3.00 -1.75
C LYS A 432 4.17 2.34 -1.40
N THR A 433 4.90 2.94 -0.48
CA THR A 433 6.30 2.57 -0.30
C THR A 433 6.56 2.13 1.13
N ARG A 434 7.73 1.55 1.35
CA ARG A 434 8.04 1.00 2.67
C ARG A 434 8.42 2.06 3.67
N ALA A 435 9.09 3.13 3.26
CA ALA A 435 9.44 4.19 4.20
C ALA A 435 8.18 4.80 4.80
N LEU A 436 7.17 5.00 3.97
CA LEU A 436 5.92 5.56 4.46
C LEU A 436 5.29 4.67 5.52
N VAL A 437 5.58 3.37 5.51
CA VAL A 437 5.02 2.49 6.52
C VAL A 437 5.53 2.87 7.90
N ASP A 438 6.85 2.99 8.03
CA ASP A 438 7.43 3.39 9.31
C ASP A 438 7.00 4.80 9.70
N ALA A 439 6.97 5.72 8.74
CA ALA A 439 6.55 7.07 9.07
C ALA A 439 5.13 7.07 9.64
N LEU A 440 4.22 6.37 8.98
CA LEU A 440 2.85 6.36 9.48
C LEU A 440 2.75 5.62 10.81
N LYS A 441 3.61 4.63 11.03
CA LYS A 441 3.59 3.94 12.31
C LYS A 441 3.98 4.89 13.44
N ASN A 442 5.09 5.61 13.26
CA ASN A 442 5.47 6.62 14.26
C ASN A 442 4.32 7.58 14.49
N TRP A 443 3.72 8.07 13.41
CA TRP A 443 2.68 9.07 13.54
C TRP A 443 1.52 8.55 14.37
N ILE A 444 1.13 7.29 14.17
CA ILE A 444 0.02 6.77 14.96
C ILE A 444 0.44 6.58 16.40
N GLU A 445 1.67 6.13 16.65
CA GLU A 445 2.06 5.77 18.00
C GLU A 445 2.00 6.96 18.94
N GLY A 446 2.49 8.11 18.51
CA GLY A 446 2.62 9.27 19.37
C GLY A 446 1.73 10.44 19.03
N ASN A 447 0.55 10.17 18.51
CA ASN A 447 -0.43 11.23 18.34
C ASN A 447 -1.42 11.15 19.49
N PRO A 448 -1.60 12.22 20.26
CA PRO A 448 -2.61 12.18 21.33
C PRO A 448 -4.02 11.98 20.81
N LYS A 449 -4.34 12.48 19.62
CA LYS A 449 -5.72 12.46 19.16
C LYS A 449 -6.22 11.04 18.90
N LEU A 450 -5.38 10.19 18.32
CA LEU A 450 -5.78 8.84 17.95
C LEU A 450 -5.24 7.84 18.97
N SER A 451 -5.86 7.85 20.15
CA SER A 451 -5.49 6.88 21.18
C SER A 451 -6.02 5.49 20.86
N PHE A 452 -7.27 5.40 20.40
CA PHE A 452 -7.90 4.09 20.20
C PHE A 452 -7.03 3.17 19.37
N LEU A 453 -6.41 3.70 18.33
CA LEU A 453 -5.71 2.88 17.37
C LEU A 453 -4.55 2.15 18.02
N LYS A 454 -4.28 0.94 17.54
CA LYS A 454 -3.18 0.13 18.05
C LYS A 454 -2.56 -0.58 16.85
N PRO A 455 -1.54 -0.01 16.25
CA PRO A 455 -1.16 -0.38 14.89
C PRO A 455 -0.41 -1.69 14.81
N GLY A 456 -0.39 -2.22 13.58
CA GLY A 456 0.49 -3.31 13.22
C GLY A 456 1.01 -3.09 11.82
N ILE A 457 2.10 -3.76 11.51
CA ILE A 457 2.80 -3.59 10.25
C ILE A 457 2.59 -4.84 9.41
N LEU A 458 2.84 -4.74 8.11
CA LEU A 458 2.90 -5.93 7.25
C LEU A 458 3.59 -5.59 5.94
N THR A 459 4.77 -6.17 5.70
CA THR A 459 5.50 -5.93 4.47
C THR A 459 6.07 -7.25 3.97
N GLY A 460 6.88 -7.18 2.96
CA GLY A 460 7.35 -8.39 2.31
C GLY A 460 8.69 -8.83 2.81
N ARG A 461 9.06 -10.05 2.42
CA ARG A 461 10.20 -10.71 3.04
C ARG A 461 11.50 -9.97 2.77
N GLY A 462 11.68 -9.46 1.57
CA GLY A 462 12.98 -8.95 1.17
C GLY A 462 13.38 -7.69 1.92
N LYS A 463 14.68 -7.44 1.93
CA LYS A 463 15.28 -6.31 2.65
C LYS A 463 15.94 -5.38 1.66
N THR A 464 15.51 -4.11 1.64
CA THR A 464 15.92 -3.17 0.61
C THR A 464 16.07 -1.77 1.17
N ASN A 465 17.10 -1.07 0.66
CA ASN A 465 17.36 0.35 0.94
C ASN A 465 17.31 0.67 2.43
N GLN A 466 18.10 -0.07 3.20
CA GLN A 466 18.31 0.16 4.63
C GLN A 466 17.05 -0.03 5.46
N ASN A 467 16.04 -0.74 4.95
CA ASN A 467 14.93 -1.21 5.75
C ASN A 467 14.73 -2.69 5.47
N THR A 468 14.48 -3.46 6.53
CA THR A 468 14.36 -4.91 6.44
C THR A 468 12.98 -5.34 6.93
N GLY A 469 12.30 -6.14 6.14
CA GLY A 469 10.91 -6.47 6.40
C GLY A 469 10.72 -7.69 7.28
N MET A 470 9.47 -8.08 7.41
CA MET A 470 9.09 -9.19 8.28
C MET A 470 9.63 -10.51 7.74
N THR A 471 9.82 -11.45 8.65
CA THR A 471 10.09 -12.84 8.34
C THR A 471 8.82 -13.67 8.55
N LEU A 472 8.81 -14.87 7.96
CA LEU A 472 7.58 -15.66 7.91
C LEU A 472 6.93 -15.85 9.28
N PRO A 473 7.66 -16.22 10.34
CA PRO A 473 7.00 -16.29 11.64
C PRO A 473 6.42 -14.97 12.09
N ALA A 474 7.04 -13.84 11.72
CA ALA A 474 6.48 -12.54 12.07
C ALA A 474 5.15 -12.29 11.37
N GLN A 475 5.07 -12.63 10.08
CA GLN A 475 3.83 -12.45 9.35
C GLN A 475 2.73 -13.34 9.91
N LYS A 476 3.07 -14.58 10.23
CA LYS A 476 2.08 -15.46 10.83
C LYS A 476 1.61 -14.90 12.15
N CYS A 477 2.52 -14.34 12.94
CA CYS A 477 2.14 -13.77 14.23
C CYS A 477 1.16 -12.61 14.04
N ILE A 478 1.44 -11.72 13.10
CA ILE A 478 0.54 -10.56 12.92
C ILE A 478 -0.84 -11.04 12.47
N LEU A 479 -0.88 -11.92 11.46
CA LEU A 479 -2.16 -12.34 10.91
C LEU A 479 -2.98 -13.10 11.96
N ASP A 480 -2.34 -13.96 12.75
CA ASP A 480 -3.07 -14.67 13.79
C ASP A 480 -3.48 -13.73 14.92
N ALA A 481 -2.71 -12.66 15.15
CA ALA A 481 -3.12 -11.66 16.11
C ALA A 481 -4.43 -11.00 15.70
N PHE A 482 -4.59 -10.74 14.40
CA PHE A 482 -5.85 -10.17 13.95
C PHE A 482 -7.03 -11.09 14.16
N LYS A 483 -6.80 -12.39 14.35
CA LYS A 483 -7.88 -13.36 14.48
C LYS A 483 -8.71 -13.15 15.73
N GLY A 486 -7.83 -10.79 20.09
CA GLY A 486 -6.65 -10.04 19.68
C GLY A 486 -6.68 -8.60 20.13
N ASP A 487 -5.55 -7.92 19.98
CA ASP A 487 -5.39 -6.55 20.48
C ASP A 487 -5.20 -5.51 19.39
N HIS A 488 -4.72 -5.89 18.21
CA HIS A 488 -4.44 -4.93 17.16
C HIS A 488 -5.72 -4.49 16.44
N ASN A 489 -5.75 -3.22 16.00
CA ASN A 489 -6.94 -2.64 15.39
C ASN A 489 -6.70 -1.83 14.13
N ILE A 490 -5.52 -1.88 13.52
CA ILE A 490 -5.28 -1.21 12.25
C ILE A 490 -4.01 -1.77 11.66
N LEU A 491 -4.03 -2.01 10.37
CA LEU A 491 -2.91 -2.62 9.67
C LEU A 491 -2.32 -1.63 8.69
N ILE A 492 -0.99 -1.61 8.60
CA ILE A 492 -0.27 -0.75 7.67
C ILE A 492 0.41 -1.67 6.67
N ALA A 493 0.00 -1.59 5.40
CA ALA A 493 0.46 -2.59 4.45
C ALA A 493 1.07 -1.94 3.23
N THR A 494 2.01 -2.62 2.60
CA THR A 494 2.41 -2.22 1.27
C THR A 494 1.59 -3.04 0.28
N SER A 495 2.07 -3.18 -0.95
CA SER A 495 1.29 -3.86 -1.99
C SER A 495 1.03 -5.33 -1.66
N VAL A 496 1.90 -5.96 -0.88
CA VAL A 496 1.83 -7.40 -0.68
C VAL A 496 0.50 -7.82 -0.11
N ALA A 497 -0.18 -6.94 0.57
CA ALA A 497 -1.48 -7.30 1.11
C ALA A 497 -2.60 -7.02 0.11
N ASP A 498 -2.42 -7.42 -1.15
CA ASP A 498 -3.53 -7.54 -2.06
C ASP A 498 -3.67 -8.99 -2.51
N GLU A 499 -4.66 -9.26 -3.36
CA GLU A 499 -4.90 -10.59 -3.88
C GLU A 499 -5.25 -11.58 -2.78
N GLY A 500 -5.98 -11.14 -1.77
CA GLY A 500 -6.55 -12.08 -0.83
C GLY A 500 -5.76 -12.34 0.44
N ILE A 501 -5.87 -11.44 1.40
CA ILE A 501 -5.30 -11.66 2.71
C ILE A 501 -6.33 -12.23 3.66
N ASP A 502 -7.61 -11.99 3.41
CA ASP A 502 -8.69 -12.70 4.09
C ASP A 502 -8.73 -12.40 5.58
N ILE A 503 -8.50 -11.14 5.94
CA ILE A 503 -8.61 -10.71 7.33
C ILE A 503 -10.07 -10.38 7.58
N ALA A 504 -10.85 -11.33 8.05
CA ALA A 504 -12.28 -11.09 8.20
C ALA A 504 -12.52 -9.96 9.17
N GLN A 505 -13.74 -9.44 9.14
CA GLN A 505 -14.14 -8.33 9.99
C GLN A 505 -13.26 -7.11 9.76
N CYS A 506 -13.16 -6.68 8.50
CA CYS A 506 -12.62 -5.37 8.15
C CYS A 506 -13.78 -4.47 7.77
N ASN A 507 -13.83 -3.26 8.33
CA ASN A 507 -14.90 -2.32 8.05
C ASN A 507 -14.39 -1.04 7.43
N LEU A 508 -13.18 -1.03 6.89
CA LEU A 508 -12.63 0.23 6.40
C LEU A 508 -11.32 -0.04 5.68
N VAL A 509 -11.26 0.33 4.41
CA VAL A 509 -10.02 0.32 3.66
C VAL A 509 -9.70 1.75 3.29
N ILE A 510 -8.49 2.18 3.54
CA ILE A 510 -8.10 3.55 3.26
C ILE A 510 -6.91 3.53 2.34
N LEU A 511 -6.99 4.25 1.23
CA LEU A 511 -5.94 4.21 0.22
C LEU A 511 -5.23 5.55 0.27
N TYR A 512 -3.93 5.51 0.52
CA TYR A 512 -3.15 6.73 0.72
C TYR A 512 -2.42 7.05 -0.58
N GLU A 513 -3.16 7.63 -1.53
CA GLU A 513 -2.65 7.97 -2.86
C GLU A 513 -2.26 6.72 -3.64
N TYR A 514 -3.09 5.68 -3.53
CA TYR A 514 -2.85 4.37 -4.11
C TYR A 514 -3.70 4.23 -5.37
N VAL A 515 -3.08 3.96 -6.50
CA VAL A 515 -3.81 3.81 -7.76
C VAL A 515 -3.12 2.77 -8.62
N GLY A 516 -3.84 2.31 -9.63
CA GLY A 516 -3.28 1.38 -10.59
C GLY A 516 -4.34 0.90 -11.56
N ASN A 517 -3.98 -0.11 -12.34
CA ASN A 517 -4.91 -0.67 -13.31
C ASN A 517 -6.06 -1.35 -12.59
N VAL A 518 -7.15 -1.55 -13.32
CA VAL A 518 -8.42 -1.89 -12.67
C VAL A 518 -8.32 -3.17 -11.86
N ILE A 519 -7.42 -4.09 -12.25
CA ILE A 519 -7.25 -5.31 -11.47
C ILE A 519 -6.90 -4.96 -10.03
N LYS A 520 -5.93 -4.07 -9.87
CA LYS A 520 -5.54 -3.64 -8.54
C LYS A 520 -6.70 -3.00 -7.81
N MET A 521 -7.50 -2.20 -8.50
CA MET A 521 -8.61 -1.55 -7.82
C MET A 521 -9.57 -2.56 -7.26
N ILE A 522 -9.88 -3.60 -8.02
CA ILE A 522 -10.85 -4.58 -7.54
C ILE A 522 -10.28 -5.36 -6.37
N GLN A 523 -9.03 -5.80 -6.47
CA GLN A 523 -8.47 -6.56 -5.37
C GLN A 523 -8.36 -5.73 -4.10
N THR A 524 -7.96 -4.46 -4.22
CA THR A 524 -7.85 -3.59 -3.06
C THR A 524 -9.19 -3.28 -2.44
N ARG A 525 -10.18 -2.92 -3.23
CA ARG A 525 -11.50 -2.64 -2.67
C ARG A 525 -12.14 -3.87 -2.07
N GLY A 526 -11.68 -5.06 -2.42
CA GLY A 526 -12.27 -6.24 -1.84
C GLY A 526 -11.76 -6.69 -0.50
N ARG A 527 -10.83 -5.97 0.13
CA ARG A 527 -10.29 -6.44 1.40
C ARG A 527 -11.36 -6.49 2.46
N GLY A 528 -12.26 -5.52 2.48
CA GLY A 528 -13.24 -5.47 3.53
C GLY A 528 -14.26 -6.57 3.49
N ARG A 529 -13.90 -7.76 3.96
CA ARG A 529 -14.82 -8.89 3.87
C ARG A 529 -16.10 -8.63 4.65
N ALA A 530 -16.02 -7.88 5.74
CA ALA A 530 -17.20 -7.69 6.58
C ALA A 530 -18.20 -6.79 5.88
N ARG A 531 -19.48 -7.04 6.16
CA ARG A 531 -20.52 -6.21 5.56
C ARG A 531 -20.55 -4.85 6.23
N GLY A 532 -21.08 -3.87 5.51
CA GLY A 532 -21.06 -2.50 5.98
C GLY A 532 -19.76 -1.78 5.73
N SER A 533 -18.84 -2.39 5.00
CA SER A 533 -17.51 -1.84 4.82
C SER A 533 -17.52 -0.70 3.83
N LYS A 534 -16.47 0.11 3.89
CA LYS A 534 -16.32 1.25 3.02
C LYS A 534 -14.88 1.32 2.57
N CYS A 535 -14.66 1.99 1.44
CA CYS A 535 -13.31 2.31 1.04
C CYS A 535 -13.22 3.80 0.79
N PHE A 536 -12.11 4.40 1.18
CA PHE A 536 -11.88 5.83 0.97
C PHE A 536 -10.58 6.03 0.21
N LEU A 537 -10.67 6.61 -0.97
CA LEU A 537 -9.47 7.00 -1.70
C LEU A 537 -9.13 8.42 -1.32
N LEU A 538 -7.97 8.63 -0.71
CA LEU A 538 -7.65 9.91 -0.10
C LEU A 538 -6.46 10.52 -0.83
N THR A 539 -6.67 11.64 -1.53
CA THR A 539 -5.57 12.16 -2.33
C THR A 539 -5.68 13.65 -2.50
N SER A 540 -4.56 14.25 -2.93
CA SER A 540 -4.45 15.69 -3.12
C SER A 540 -4.42 16.13 -4.57
N ASN A 541 -4.06 15.25 -5.49
CA ASN A 541 -3.92 15.59 -6.90
C ASN A 541 -5.21 15.22 -7.63
N ALA A 542 -5.73 16.16 -8.41
CA ALA A 542 -7.00 15.92 -9.09
C ALA A 542 -6.90 14.79 -10.10
N GLY A 543 -5.72 14.57 -10.67
CA GLY A 543 -5.55 13.53 -11.67
C GLY A 543 -5.90 12.16 -11.14
N VAL A 544 -5.52 11.89 -9.88
CA VAL A 544 -5.83 10.61 -9.27
C VAL A 544 -7.34 10.45 -9.09
N ILE A 545 -8.02 11.50 -8.66
CA ILE A 545 -9.46 11.41 -8.52
C ILE A 545 -10.10 11.09 -9.86
N GLU A 546 -9.58 11.69 -10.94
CA GLU A 546 -10.10 11.36 -12.27
C GLU A 546 -9.84 9.90 -12.64
N LYS A 547 -8.63 9.42 -12.35
CA LYS A 547 -8.26 8.07 -12.75
C LYS A 547 -9.16 7.05 -12.11
N GLU A 548 -9.54 7.26 -10.85
CA GLU A 548 -10.38 6.26 -10.22
C GLU A 548 -11.75 6.17 -10.87
N GLN A 549 -12.30 7.30 -11.32
CA GLN A 549 -13.59 7.26 -12.02
C GLN A 549 -13.47 6.49 -13.34
N ILE A 550 -12.43 6.77 -14.11
CA ILE A 550 -12.33 6.04 -15.37
C ILE A 550 -12.10 4.56 -15.09
N ASN A 551 -11.42 4.22 -13.99
CA ASN A 551 -11.25 2.82 -13.65
C ASN A 551 -12.58 2.16 -13.34
N MET A 552 -13.47 2.85 -12.62
CA MET A 552 -14.76 2.24 -12.37
C MET A 552 -15.52 1.99 -13.67
N TYR A 553 -15.41 2.92 -14.62
CA TYR A 553 -16.03 2.69 -15.92
C TYR A 553 -15.43 1.48 -16.62
N LYS A 554 -14.10 1.35 -16.58
CA LYS A 554 -13.46 0.20 -17.20
C LYS A 554 -13.94 -1.10 -16.58
N GLU A 555 -14.14 -1.11 -15.26
CA GLU A 555 -14.64 -2.33 -14.64
C GLU A 555 -16.02 -2.68 -15.18
N LYS A 556 -16.88 -1.68 -15.35
CA LYS A 556 -18.20 -1.99 -15.92
C LYS A 556 -18.08 -2.55 -17.33
N MET A 557 -17.18 -1.99 -18.14
CA MET A 557 -16.97 -2.50 -19.49
C MET A 557 -16.48 -3.94 -19.47
N MET A 558 -15.59 -4.27 -18.55
CA MET A 558 -15.08 -5.64 -18.45
C MET A 558 -16.19 -6.62 -18.06
N ASN A 559 -16.99 -6.27 -17.06
CA ASN A 559 -18.10 -7.14 -16.69
C ASN A 559 -19.18 -7.21 -17.75
N ASP A 560 -19.14 -6.33 -18.75
CA ASP A 560 -20.00 -6.57 -19.93
C ASP A 560 -19.33 -7.49 -20.95
N SER A 561 -18.06 -7.26 -21.22
CA SER A 561 -17.38 -8.03 -22.24
C SER A 561 -17.11 -9.45 -21.82
N ILE A 562 -17.32 -9.79 -20.56
CA ILE A 562 -17.28 -11.21 -20.19
C ILE A 562 -18.66 -11.84 -20.19
N LEU A 563 -19.72 -11.04 -20.14
CA LEU A 563 -21.06 -11.58 -20.37
C LEU A 563 -21.25 -11.90 -21.84
N ARG A 564 -20.66 -11.09 -22.72
CA ARG A 564 -20.80 -11.34 -24.14
C ARG A 564 -20.13 -12.65 -24.54
N LEU A 565 -18.96 -12.94 -24.01
CA LEU A 565 -18.20 -14.08 -24.47
C LEU A 565 -18.81 -15.41 -24.07
N GLN A 566 -19.82 -15.43 -23.22
CA GLN A 566 -20.40 -16.71 -22.84
C GLN A 566 -21.43 -17.22 -23.85
N THR A 567 -21.77 -16.44 -24.87
CA THR A 567 -22.81 -16.85 -25.81
C THR A 567 -22.27 -17.58 -27.03
N TRP A 568 -20.97 -17.64 -27.23
CA TRP A 568 -20.45 -18.31 -28.41
C TRP A 568 -20.70 -19.81 -28.33
N ASP A 569 -20.60 -20.46 -29.49
CA ASP A 569 -20.71 -21.90 -29.53
C ASP A 569 -19.58 -22.55 -28.76
N GLU A 570 -19.69 -23.85 -28.55
CA GLU A 570 -18.72 -24.51 -27.70
C GLU A 570 -17.45 -24.93 -28.42
N ALA A 571 -17.39 -24.80 -29.75
CA ALA A 571 -16.21 -25.21 -30.50
C ALA A 571 -15.55 -24.10 -31.28
N VAL A 572 -16.26 -23.01 -31.57
CA VAL A 572 -15.59 -21.83 -32.13
C VAL A 572 -14.53 -21.35 -31.16
N PHE A 573 -14.82 -21.40 -29.86
CA PHE A 573 -13.86 -21.05 -28.84
C PHE A 573 -12.59 -21.87 -29.00
N ARG A 574 -12.75 -23.19 -29.07
CA ARG A 574 -11.58 -24.05 -29.15
C ARG A 574 -10.77 -23.77 -30.41
N GLU A 575 -11.46 -23.55 -31.53
CA GLU A 575 -10.74 -23.28 -32.78
C GLU A 575 -9.90 -22.00 -32.66
N LYS A 576 -10.51 -20.91 -32.22
CA LYS A 576 -9.73 -19.67 -32.20
C LYS A 576 -8.65 -19.70 -31.12
N ILE A 577 -8.89 -20.41 -30.02
CA ILE A 577 -7.85 -20.54 -29.01
C ILE A 577 -6.65 -21.29 -29.56
N LEU A 578 -6.90 -22.38 -30.30
CA LEU A 578 -5.78 -23.11 -30.88
C LEU A 578 -5.02 -22.24 -31.87
N HIS A 579 -5.75 -21.43 -32.64
CA HIS A 579 -5.09 -20.52 -33.57
C HIS A 579 -4.15 -19.56 -32.83
N ILE A 580 -4.66 -18.93 -31.76
CA ILE A 580 -3.82 -17.99 -31.01
C ILE A 580 -2.62 -18.69 -30.42
N GLN A 581 -2.82 -19.88 -29.84
CA GLN A 581 -1.71 -20.59 -29.24
C GLN A 581 -0.62 -20.86 -30.26
N THR A 582 -1.00 -21.37 -31.42
CA THR A 582 0.00 -21.73 -32.42
C THR A 582 0.75 -20.50 -32.92
N HIS A 583 0.01 -19.42 -33.21
CA HIS A 583 0.66 -18.23 -33.72
C HIS A 583 1.66 -17.69 -32.69
N GLU A 584 1.25 -17.66 -31.43
CA GLU A 584 2.11 -17.06 -30.44
C GLU A 584 3.32 -17.95 -30.19
N LYS A 585 3.15 -19.28 -30.33
CA LYS A 585 4.30 -20.16 -30.22
C LYS A 585 5.31 -19.92 -31.31
N PHE A 586 4.84 -19.73 -32.55
CA PHE A 586 5.77 -19.45 -33.63
C PHE A 586 6.56 -18.19 -33.36
N ILE A 587 5.85 -17.13 -32.95
CA ILE A 587 6.52 -15.86 -32.66
C ILE A 587 7.58 -16.07 -31.59
N ARG A 588 7.21 -16.70 -30.48
CA ARG A 588 8.15 -16.81 -29.38
C ARG A 588 9.34 -17.69 -29.74
N ASP A 589 9.09 -18.81 -30.41
CA ASP A 589 10.17 -19.73 -30.70
C ASP A 589 11.21 -19.12 -31.61
N SER A 590 10.77 -18.44 -32.67
CA SER A 590 11.80 -17.88 -33.54
C SER A 590 12.38 -16.57 -33.03
N GLN A 591 11.75 -15.92 -32.05
CA GLN A 591 12.15 -14.59 -31.61
C GLN A 591 13.46 -14.58 -30.82
N GLU A 592 13.99 -15.75 -30.47
CA GLU A 592 15.28 -15.82 -29.79
C GLU A 592 16.16 -16.82 -30.50
N LYS A 593 17.47 -16.56 -30.45
CA LYS A 593 18.46 -17.45 -31.05
C LYS A 593 19.84 -17.06 -30.59
N GLU A 601 40.12 -5.12 -24.31
CA GLU A 601 40.41 -5.85 -23.09
C GLU A 601 41.07 -4.96 -22.04
N ASN A 602 41.15 -5.47 -20.81
CA ASN A 602 41.89 -4.83 -19.73
C ASN A 602 41.46 -3.39 -19.54
N LYS A 603 40.16 -3.15 -19.62
CA LYS A 603 39.65 -1.79 -19.49
C LYS A 603 39.86 -1.30 -18.06
N LYS A 604 40.47 -0.12 -17.92
CA LYS A 604 40.75 0.42 -16.60
C LYS A 604 39.45 0.81 -15.89
N LEU A 605 39.45 0.64 -14.56
CA LEU A 605 38.30 1.03 -13.75
C LEU A 605 38.71 2.19 -12.84
N LEU A 606 37.99 3.29 -12.95
CA LEU A 606 38.30 4.51 -12.23
C LEU A 606 37.21 4.79 -11.21
N CYS A 607 37.48 5.72 -10.31
CA CYS A 607 36.53 6.09 -9.28
C CYS A 607 35.47 7.01 -9.85
N ARG A 608 34.22 6.79 -9.46
CA ARG A 608 33.12 7.60 -9.97
C ARG A 608 33.21 9.05 -9.50
N LYS A 609 33.93 9.31 -8.43
CA LYS A 609 33.96 10.65 -7.85
C LYS A 609 35.31 11.33 -7.94
N CYS A 610 36.41 10.60 -7.91
CA CYS A 610 37.73 11.22 -7.97
C CYS A 610 38.60 10.70 -9.10
N LYS A 611 38.12 9.75 -9.89
CA LYS A 611 38.76 9.31 -11.13
C LYS A 611 40.22 8.89 -10.91
N ALA A 612 40.41 7.92 -10.02
CA ALA A 612 41.72 7.33 -9.76
C ALA A 612 41.71 5.86 -10.16
N LEU A 613 42.86 5.37 -10.60
CA LEU A 613 42.95 4.04 -11.19
C LEU A 613 42.73 2.99 -10.13
N ALA A 614 41.49 2.50 -10.02
CA ALA A 614 41.19 1.44 -9.06
C ALA A 614 41.87 0.14 -9.45
N CYS A 615 41.44 -0.47 -10.54
CA CYS A 615 41.93 -1.80 -10.90
C CYS A 615 41.73 -2.04 -12.39
N TYR A 616 42.08 -3.25 -12.80
CA TYR A 616 41.96 -3.68 -14.19
C TYR A 616 40.99 -4.84 -14.26
N THR A 617 40.32 -4.96 -15.40
CA THR A 617 39.37 -6.05 -15.59
C THR A 617 40.08 -7.40 -15.58
N ALA A 618 41.23 -7.49 -16.22
CA ALA A 618 41.93 -8.76 -16.29
C ALA A 618 42.44 -9.25 -14.94
N ASP A 619 42.09 -8.58 -13.84
CA ASP A 619 42.47 -9.01 -12.50
C ASP A 619 41.27 -9.10 -11.57
N VAL A 620 40.09 -9.40 -12.13
CA VAL A 620 38.89 -9.67 -11.34
C VAL A 620 38.48 -11.09 -11.62
N ARG A 621 38.38 -11.91 -10.58
CA ARG A 621 37.94 -13.28 -10.72
C ARG A 621 36.66 -13.47 -9.92
N VAL A 622 35.57 -13.73 -10.63
CA VAL A 622 34.31 -14.02 -9.95
C VAL A 622 34.53 -15.23 -9.05
N ILE A 623 33.84 -15.23 -7.91
CA ILE A 623 33.93 -16.32 -6.95
C ILE A 623 32.55 -16.92 -6.77
N GLU A 624 32.44 -18.22 -6.99
CA GLU A 624 31.17 -18.94 -6.90
C GLU A 624 30.11 -18.35 -7.83
N GLU A 625 30.53 -17.61 -8.85
CA GLU A 625 29.68 -17.11 -9.93
C GLU A 625 28.71 -16.00 -9.52
N CYS A 626 28.91 -15.35 -8.37
CA CYS A 626 28.08 -14.19 -8.08
C CYS A 626 28.85 -13.09 -7.36
N HIS A 627 29.56 -13.41 -6.27
CA HIS A 627 30.42 -12.42 -5.64
C HIS A 627 31.62 -12.13 -6.52
N TYR A 628 32.08 -10.88 -6.48
CA TYR A 628 33.19 -10.44 -7.32
C TYR A 628 34.33 -9.97 -6.44
N THR A 629 35.56 -10.23 -6.87
CA THR A 629 36.71 -9.88 -6.05
C THR A 629 37.93 -9.60 -6.92
N VAL A 630 38.90 -8.92 -6.31
CA VAL A 630 40.14 -8.51 -6.95
C VAL A 630 41.28 -9.05 -6.12
N LEU A 631 42.45 -9.18 -6.74
CA LEU A 631 43.62 -9.68 -6.04
C LEU A 631 44.82 -8.80 -6.35
N GLY A 632 45.75 -8.75 -5.40
CA GLY A 632 47.00 -8.04 -5.59
C GLY A 632 47.29 -7.07 -4.48
N ASP A 633 48.58 -6.84 -4.22
CA ASP A 633 48.97 -5.91 -3.18
C ASP A 633 48.63 -4.47 -3.55
N ALA A 634 48.68 -4.14 -4.85
CA ALA A 634 48.35 -2.78 -5.27
C ALA A 634 46.92 -2.43 -4.91
N PHE A 635 45.98 -3.33 -5.19
CA PHE A 635 44.59 -3.07 -4.84
C PHE A 635 44.42 -2.95 -3.33
N LYS A 636 45.21 -3.69 -2.56
CA LYS A 636 45.14 -3.54 -1.11
C LYS A 636 45.68 -2.20 -0.65
N GLU A 637 46.38 -1.47 -1.52
CA GLU A 637 46.79 -0.10 -1.22
C GLU A 637 45.84 0.93 -1.82
N CYS A 638 44.88 0.52 -2.63
CA CYS A 638 44.03 1.46 -3.35
C CYS A 638 42.77 1.81 -2.57
N PHE A 639 42.55 1.18 -1.42
CA PHE A 639 41.45 1.53 -0.53
C PHE A 639 41.95 1.49 0.90
N VAL A 640 41.24 2.17 1.78
CA VAL A 640 41.54 2.14 3.21
C VAL A 640 40.28 1.75 3.95
N SER A 641 40.29 0.56 4.54
CA SER A 641 39.12 0.10 5.27
C SER A 641 38.89 0.98 6.49
N ARG A 642 37.63 1.27 6.76
CA ARG A 642 37.32 2.07 7.94
C ARG A 642 37.68 1.29 9.19
N PRO A 643 38.47 1.85 10.10
CA PRO A 643 38.86 1.09 11.30
C PRO A 643 37.67 0.62 12.13
N HIS A 644 36.64 1.46 12.25
CA HIS A 644 35.37 1.09 12.86
C HIS A 644 34.29 1.41 11.86
N PRO A 645 33.85 0.44 11.06
CA PRO A 645 32.90 0.75 9.99
C PRO A 645 31.58 1.24 10.53
N LYS A 646 30.89 2.05 9.71
CA LYS A 646 29.61 2.62 10.12
C LYS A 646 28.59 1.58 10.55
N PRO A 647 28.36 0.48 9.83
CA PRO A 647 27.40 -0.52 10.33
C PRO A 647 27.79 -1.11 11.67
N LYS A 648 29.08 -1.26 11.94
CA LYS A 648 29.53 -1.78 13.22
C LYS A 648 29.93 -0.63 14.14
N LYS A 655 27.59 -6.93 10.15
CA LYS A 655 28.39 -5.87 10.73
C LYS A 655 29.87 -6.08 10.44
N ARG A 656 30.21 -6.11 9.16
CA ARG A 656 31.59 -6.29 8.72
C ARG A 656 32.10 -4.98 8.12
N ALA A 657 33.42 -4.89 8.00
CA ALA A 657 34.04 -3.65 7.57
C ALA A 657 33.66 -3.35 6.13
N LYS A 658 33.45 -2.06 5.85
CA LYS A 658 33.17 -1.60 4.49
C LYS A 658 34.48 -1.26 3.81
N ILE A 659 34.39 -0.71 2.60
CA ILE A 659 35.54 -0.25 1.85
C ILE A 659 35.35 1.25 1.62
N PHE A 660 36.44 1.98 1.46
CA PHE A 660 36.34 3.39 1.16
C PHE A 660 37.56 3.83 0.37
N CYS A 661 37.40 4.88 -0.41
CA CYS A 661 38.45 5.30 -1.33
C CYS A 661 39.72 5.66 -0.56
N ALA A 662 40.87 5.36 -1.16
CA ALA A 662 42.14 5.48 -0.45
C ALA A 662 42.41 6.91 -0.03
N ARG A 663 42.19 7.87 -0.94
CA ARG A 663 42.55 9.25 -0.66
C ARG A 663 41.69 9.82 0.45
N GLN A 664 42.27 10.74 1.21
CA GLN A 664 41.47 11.48 2.18
C GLN A 664 40.52 12.45 1.49
N ASN A 665 40.82 12.83 0.25
CA ASN A 665 39.93 13.71 -0.50
C ASN A 665 38.59 13.05 -0.79
N CYS A 666 38.59 11.77 -1.16
CA CYS A 666 37.42 11.06 -1.63
C CYS A 666 37.13 9.88 -0.73
N SER A 667 35.87 9.73 -0.33
CA SER A 667 35.43 8.59 0.48
C SER A 667 34.08 8.14 -0.10
N HIS A 668 34.14 7.22 -1.07
CA HIS A 668 32.95 6.71 -1.72
C HIS A 668 32.92 5.19 -1.60
N ASP A 669 31.71 4.67 -1.42
CA ASP A 669 31.51 3.27 -1.04
C ASP A 669 31.92 2.27 -2.11
N TRP A 670 33.19 1.84 -2.10
CA TRP A 670 33.64 0.88 -3.10
C TRP A 670 33.00 -0.50 -2.93
N GLY A 671 32.76 -0.92 -1.69
CA GLY A 671 32.24 -2.26 -1.48
C GLY A 671 32.23 -2.62 -0.02
N ILE A 672 32.25 -3.92 0.24
CA ILE A 672 32.26 -4.46 1.59
C ILE A 672 33.23 -5.63 1.61
N HIS A 673 33.48 -6.16 2.81
CA HIS A 673 34.42 -7.25 2.99
C HIS A 673 33.66 -8.46 3.53
N VAL A 674 33.86 -9.63 2.92
CA VAL A 674 33.17 -10.83 3.34
C VAL A 674 34.16 -11.99 3.35
N LYS A 675 33.83 -13.02 4.11
CA LYS A 675 34.72 -14.15 4.37
C LYS A 675 34.26 -15.37 3.58
N TYR A 676 35.17 -15.94 2.79
CA TYR A 676 34.89 -17.15 2.01
C TYR A 676 35.93 -18.20 2.35
N LYS A 677 35.48 -19.28 2.99
CA LYS A 677 36.32 -20.43 3.34
C LYS A 677 37.48 -19.93 4.20
N THR A 678 38.73 -20.24 3.85
CA THR A 678 39.86 -19.89 4.70
C THR A 678 40.08 -18.39 4.72
N PHE A 679 40.11 -17.75 3.56
CA PHE A 679 40.59 -16.38 3.42
C PHE A 679 39.43 -15.45 3.13
N GLU A 680 39.38 -14.33 3.83
CA GLU A 680 38.41 -13.28 3.55
C GLU A 680 38.89 -12.42 2.38
N ILE A 681 37.96 -12.01 1.53
CA ILE A 681 38.31 -11.35 0.29
C ILE A 681 37.58 -10.01 0.20
N PRO A 682 38.09 -9.06 -0.56
CA PRO A 682 37.36 -7.80 -0.73
C PRO A 682 36.43 -7.85 -1.93
N VAL A 683 35.15 -7.56 -1.74
CA VAL A 683 34.20 -7.55 -2.85
C VAL A 683 33.85 -6.10 -3.16
N ILE A 684 33.41 -5.87 -4.40
CA ILE A 684 33.17 -4.53 -4.89
C ILE A 684 31.79 -4.45 -5.51
N LYS A 685 31.33 -3.22 -5.75
CA LYS A 685 30.09 -2.94 -6.46
C LYS A 685 30.40 -2.09 -7.68
N ILE A 686 29.96 -2.54 -8.86
CA ILE A 686 30.26 -1.81 -10.08
C ILE A 686 29.59 -0.45 -10.14
N GLU A 687 28.63 -0.18 -9.27
CA GLU A 687 27.95 1.10 -9.31
C GLU A 687 28.89 2.25 -9.01
N SER A 688 30.05 1.96 -8.45
CA SER A 688 30.93 2.99 -7.92
C SER A 688 32.13 3.27 -8.82
N PHE A 689 32.23 2.64 -9.98
CA PHE A 689 33.36 2.86 -10.85
C PHE A 689 32.88 3.37 -12.20
N VAL A 690 33.84 3.84 -12.98
CA VAL A 690 33.64 4.25 -14.36
C VAL A 690 34.64 3.49 -15.20
N VAL A 691 34.19 2.90 -16.29
CA VAL A 691 35.06 2.08 -17.10
C VAL A 691 35.63 2.94 -18.22
N GLU A 692 36.94 2.84 -18.45
CA GLU A 692 37.61 3.55 -19.52
C GLU A 692 38.52 2.58 -20.26
N ASP A 693 38.47 2.62 -21.58
CA ASP A 693 39.17 1.63 -22.38
C ASP A 693 40.68 1.82 -22.29
N ILE A 694 41.39 0.71 -22.45
CA ILE A 694 42.84 0.72 -22.26
C ILE A 694 43.51 1.62 -23.28
N ALA A 695 43.01 1.66 -24.51
CA ALA A 695 43.59 2.47 -25.56
C ALA A 695 42.74 3.71 -25.81
N THR A 696 41.54 3.51 -26.35
CA THR A 696 40.65 4.63 -26.59
C THR A 696 40.29 5.32 -25.26
N GLY A 697 39.60 6.45 -25.36
CA GLY A 697 39.21 7.22 -24.20
C GLY A 697 37.76 7.08 -23.79
N VAL A 698 37.05 6.07 -24.28
CA VAL A 698 35.61 6.00 -24.11
C VAL A 698 35.25 5.68 -22.66
N GLN A 699 34.05 6.09 -22.26
CA GLN A 699 33.61 5.95 -20.87
C GLN A 699 32.10 5.74 -20.83
N THR A 700 31.67 4.70 -20.13
CA THR A 700 30.25 4.40 -19.99
C THR A 700 30.00 3.83 -18.60
N LEU A 701 28.75 3.94 -18.17
CA LEU A 701 28.36 3.69 -16.80
C LEU A 701 27.46 2.47 -16.74
N TYR A 702 27.79 1.50 -15.88
CA TYR A 702 27.04 0.26 -15.79
C TYR A 702 26.44 0.14 -14.40
N SER A 703 25.11 0.04 -14.33
CA SER A 703 24.47 -0.05 -13.03
C SER A 703 24.60 -1.42 -12.39
N LYS A 704 24.63 -2.48 -13.19
CA LYS A 704 24.74 -3.83 -12.69
C LYS A 704 25.83 -4.56 -13.45
N TRP A 705 26.42 -5.56 -12.81
CA TRP A 705 27.52 -6.26 -13.46
C TRP A 705 27.11 -6.87 -14.80
N LYS A 706 25.83 -7.16 -14.98
CA LYS A 706 25.42 -8.00 -16.11
C LYS A 706 25.63 -7.32 -17.45
N ASP A 707 25.46 -6.00 -17.51
CA ASP A 707 25.66 -5.30 -18.78
C ASP A 707 27.12 -5.35 -19.22
N PHE A 708 28.04 -5.11 -18.31
CA PHE A 708 29.47 -5.11 -18.62
C PHE A 708 29.93 -6.51 -18.98
N HIS A 709 30.80 -6.61 -19.98
CA HIS A 709 31.24 -7.91 -20.49
C HIS A 709 32.76 -7.98 -20.53
N PHE A 710 33.33 -8.86 -19.71
CA PHE A 710 34.79 -9.01 -19.63
C PHE A 710 35.13 -10.49 -19.61
N GLU A 711 36.43 -10.80 -19.54
CA GLU A 711 36.89 -12.19 -19.62
C GLU A 711 36.80 -12.85 -18.24
N LYS A 712 35.58 -13.16 -17.84
CA LYS A 712 35.35 -13.73 -16.52
C LYS A 712 36.15 -15.02 -16.37
N ILE A 713 36.87 -15.12 -15.26
CA ILE A 713 37.66 -16.31 -14.97
C ILE A 713 37.44 -16.70 -13.52
N PRO A 714 37.16 -17.96 -13.24
CA PRO A 714 36.81 -18.35 -11.88
C PRO A 714 37.98 -18.18 -10.92
N PHE A 715 37.65 -18.07 -9.65
CA PHE A 715 38.64 -17.81 -8.60
C PHE A 715 39.82 -18.79 -8.62
N GLN D 8 -43.14 28.32 28.25
CA GLN D 8 -43.01 29.53 29.08
C GLN D 8 -41.56 29.78 29.40
N TRP D 9 -40.87 28.73 29.82
CA TRP D 9 -39.46 28.80 30.09
C TRP D 9 -38.62 28.41 28.89
N ALA D 10 -39.26 28.19 27.74
CA ALA D 10 -38.56 27.84 26.52
C ALA D 10 -37.72 29.00 26.00
N ILE D 11 -36.53 28.69 25.48
CA ILE D 11 -35.62 29.66 24.91
C ILE D 11 -35.23 29.22 23.52
N HIS D 12 -34.55 30.12 22.80
CA HIS D 12 -34.11 29.82 21.45
C HIS D 12 -32.59 29.96 21.36
N PRO D 13 -31.84 28.90 21.61
CA PRO D 13 -30.39 28.98 21.45
C PRO D 13 -30.01 29.13 19.99
N THR D 14 -28.88 29.78 19.76
CA THR D 14 -28.44 30.04 18.40
C THR D 14 -27.00 29.58 18.23
N PHE D 15 -26.76 28.79 17.19
CA PHE D 15 -25.40 28.30 16.96
C PHE D 15 -24.45 29.46 16.76
N ASN D 16 -23.24 29.33 17.28
CA ASN D 16 -22.23 30.34 17.05
C ASN D 16 -21.22 29.85 16.04
N LEU D 17 -20.62 30.79 15.33
CA LEU D 17 -19.49 30.47 14.48
C LEU D 17 -18.23 30.24 15.29
N LYS D 18 -18.31 30.41 16.61
CA LYS D 18 -17.11 30.35 17.44
C LYS D 18 -16.48 28.97 17.42
N SER D 19 -17.28 27.91 17.51
CA SER D 19 -16.77 26.57 17.69
C SER D 19 -17.00 25.68 16.47
N LEU D 20 -17.50 26.23 15.38
CA LEU D 20 -17.92 25.42 14.25
C LEU D 20 -16.75 24.62 13.69
N SER D 21 -16.99 23.35 13.38
CA SER D 21 -15.93 22.51 12.85
C SER D 21 -15.80 22.69 11.34
N CYS D 22 -14.57 22.51 10.84
CA CYS D 22 -14.29 22.77 9.44
C CYS D 22 -15.27 22.02 8.54
N SER D 23 -15.45 20.73 8.80
CA SER D 23 -16.32 19.92 7.94
C SER D 23 -17.76 20.37 8.03
N LEU D 24 -18.23 20.70 9.21
CA LEU D 24 -19.62 21.06 9.38
C LEU D 24 -19.87 22.47 8.83
N GLU D 25 -21.14 22.77 8.53
CA GLU D 25 -21.50 24.05 7.95
C GLU D 25 -22.79 24.57 8.56
N VAL D 26 -22.97 25.89 8.51
CA VAL D 26 -24.09 26.56 9.16
C VAL D 26 -24.77 27.46 8.14
N SER D 27 -26.04 27.77 8.40
CA SER D 27 -26.85 28.57 7.50
C SER D 27 -26.93 30.02 7.99
N LYS D 28 -27.41 30.89 7.10
CA LYS D 28 -27.47 32.32 7.39
C LYS D 28 -28.40 32.62 8.55
N ASP D 29 -29.55 31.94 8.59
CA ASP D 29 -30.49 32.16 9.69
C ASP D 29 -29.87 31.80 11.04
N SER D 30 -28.81 31.02 11.04
CA SER D 30 -28.10 30.61 12.26
C SER D 30 -28.99 29.78 13.18
N ARG D 31 -29.92 29.04 12.60
CA ARG D 31 -30.64 27.99 13.32
C ARG D 31 -30.74 26.72 12.49
N THR D 32 -29.85 26.56 11.52
CA THR D 32 -29.76 25.34 10.73
C THR D 32 -28.30 24.90 10.67
N VAL D 33 -28.03 23.64 11.00
CA VAL D 33 -26.67 23.12 11.00
C VAL D 33 -26.66 21.87 10.16
N THR D 34 -25.70 21.76 9.24
CA THR D 34 -25.64 20.60 8.37
C THR D 34 -24.19 20.24 8.15
N VAL D 35 -23.95 19.20 7.36
CA VAL D 35 -22.61 18.75 7.02
C VAL D 35 -22.33 19.14 5.59
N SER D 36 -21.22 19.85 5.38
CA SER D 36 -20.88 20.36 4.07
C SER D 36 -20.49 19.22 3.14
N HIS D 37 -20.60 19.48 1.84
CA HIS D 37 -20.13 18.51 0.87
C HIS D 37 -18.61 18.51 0.77
N ARG D 38 -17.97 19.63 1.04
CA ARG D 38 -16.53 19.77 0.96
C ARG D 38 -16.08 20.55 2.19
N PRO D 39 -14.80 20.46 2.55
CA PRO D 39 -14.33 21.21 3.73
C PRO D 39 -14.53 22.70 3.52
N GLN D 40 -14.92 23.38 4.60
CA GLN D 40 -15.09 24.83 4.56
C GLN D 40 -13.98 25.48 5.35
N PRO D 41 -13.11 26.27 4.73
CA PRO D 41 -11.99 26.87 5.48
C PRO D 41 -12.46 27.79 6.60
N TYR D 42 -11.69 27.80 7.68
CA TYR D 42 -11.96 28.62 8.85
C TYR D 42 -10.65 28.87 9.57
N ARG D 43 -10.66 29.86 10.46
CA ARG D 43 -9.45 30.24 11.17
C ARG D 43 -8.94 29.09 12.02
N TRP D 44 -7.62 28.95 12.11
CA TRP D 44 -7.02 27.89 12.90
C TRP D 44 -6.75 28.38 14.31
N SER D 45 -7.37 27.73 15.28
CA SER D 45 -7.25 28.12 16.67
C SER D 45 -7.54 26.91 17.53
N CYS D 46 -7.10 26.96 18.78
CA CYS D 46 -7.45 25.87 19.68
C CYS D 46 -8.93 25.87 20.03
N GLU D 47 -9.67 26.93 19.71
CA GLU D 47 -11.10 26.98 20.00
C GLU D 47 -11.87 25.96 19.15
N ARG D 48 -11.49 25.78 17.89
CA ARG D 48 -12.19 24.90 16.96
C ARG D 48 -12.13 23.44 17.42
N PHE D 49 -13.24 22.71 17.23
CA PHE D 49 -13.34 21.36 17.78
C PHE D 49 -12.37 20.39 17.13
N SER D 50 -12.15 20.49 15.82
CA SER D 50 -11.37 19.54 15.01
C SER D 50 -12.08 18.20 14.90
N THR D 51 -13.33 18.15 15.35
CA THR D 51 -14.22 17.02 15.23
C THR D 51 -15.56 17.56 14.78
N SER D 52 -16.34 16.77 14.06
CA SER D 52 -17.57 17.30 13.46
C SER D 52 -18.63 17.50 14.54
N GLN D 53 -18.43 18.54 15.37
CA GLN D 53 -19.33 18.89 16.45
C GLN D 53 -19.59 20.38 16.44
N VAL D 54 -20.41 20.85 17.38
CA VAL D 54 -20.70 22.28 17.48
C VAL D 54 -21.18 22.58 18.89
N LEU D 55 -20.97 23.83 19.33
CA LEU D 55 -21.39 24.33 20.63
C LEU D 55 -22.19 25.61 20.45
N CYS D 56 -23.27 25.75 21.21
CA CYS D 56 -24.05 26.97 21.12
C CYS D 56 -23.37 28.08 21.90
N SER D 57 -23.97 29.27 21.87
CA SER D 57 -23.40 30.45 22.52
C SER D 57 -24.27 31.01 23.64
N GLN D 58 -25.53 30.62 23.72
CA GLN D 58 -26.41 31.12 24.77
C GLN D 58 -25.94 30.51 26.09
N ALA D 59 -24.99 31.18 26.74
CA ALA D 59 -24.50 30.71 28.03
C ALA D 59 -25.64 30.59 29.03
N LEU D 60 -25.69 29.47 29.74
CA LEU D 60 -26.74 29.22 30.72
C LEU D 60 -26.11 28.92 32.06
N SER D 61 -26.41 29.74 33.06
CA SER D 61 -25.89 29.55 34.40
C SER D 61 -26.96 28.98 35.33
N LYS D 64 -34.01 27.27 34.58
CA LYS D 64 -35.25 26.89 33.91
C LYS D 64 -35.16 27.06 32.40
N HIS D 65 -34.29 26.31 31.73
CA HIS D 65 -34.17 26.45 30.28
C HIS D 65 -34.51 25.14 29.60
N TYR D 66 -35.38 25.22 28.59
CA TYR D 66 -35.78 24.07 27.78
C TYR D 66 -35.63 24.43 26.31
N TRP D 67 -35.07 23.52 25.52
CA TRP D 67 -35.01 23.76 24.09
C TRP D 67 -35.16 22.46 23.31
N GLU D 68 -35.80 22.57 22.15
CA GLU D 68 -36.21 21.42 21.36
C GLU D 68 -35.45 21.39 20.04
N VAL D 69 -34.81 20.26 19.76
CA VAL D 69 -34.09 20.04 18.51
C VAL D 69 -34.75 18.87 17.79
N ASP D 70 -34.98 19.02 16.49
CA ASP D 70 -35.59 17.91 15.77
C ASP D 70 -34.52 17.09 15.08
N THR D 71 -34.63 15.77 15.19
CA THR D 71 -33.62 14.87 14.67
C THR D 71 -34.05 14.20 13.37
N ARG D 72 -35.27 14.43 12.91
CA ARG D 72 -35.65 13.96 11.59
C ARG D 72 -34.70 14.54 10.57
N ASN D 73 -34.23 13.70 9.66
CA ASN D 73 -33.23 14.10 8.69
C ASN D 73 -32.01 14.63 9.42
N SER D 75 -29.77 10.07 10.11
CA SER D 75 -28.68 9.20 10.52
C SER D 75 -28.37 9.39 11.98
N HIS D 76 -27.09 9.47 12.30
CA HIS D 76 -26.62 9.41 13.68
C HIS D 76 -26.40 10.81 14.26
N TRP D 77 -26.94 11.03 15.46
CA TRP D 77 -26.89 12.35 16.07
C TRP D 77 -26.66 12.25 17.55
N ALA D 78 -25.99 13.25 18.11
CA ALA D 78 -25.83 13.39 19.54
C ALA D 78 -26.25 14.81 19.91
N VAL D 79 -27.13 14.93 20.89
CA VAL D 79 -27.54 16.23 21.39
C VAL D 79 -27.29 16.27 22.89
N GLY D 80 -26.76 17.37 23.39
CA GLY D 80 -26.48 17.39 24.81
C GLY D 80 -26.15 18.77 25.33
N VAL D 81 -25.56 18.78 26.53
CA VAL D 81 -25.14 20.00 27.19
C VAL D 81 -23.69 19.84 27.64
N ALA D 82 -22.85 20.78 27.26
CA ALA D 82 -21.47 20.81 27.68
C ALA D 82 -21.07 22.24 27.98
N SER D 83 -20.05 22.41 28.81
CA SER D 83 -19.61 23.74 29.24
C SER D 83 -18.20 24.02 28.78
N TRP D 84 -17.82 25.30 28.87
CA TRP D 84 -16.69 25.82 28.10
C TRP D 84 -15.37 25.16 28.47
N GLU D 85 -15.32 24.47 29.59
CA GLU D 85 -14.06 23.87 30.00
C GLU D 85 -13.67 22.69 29.10
N MET D 86 -14.64 22.10 28.41
CA MET D 86 -14.39 20.83 27.74
C MET D 86 -13.32 20.97 26.67
N SER D 87 -12.46 19.97 26.56
CA SER D 87 -11.40 20.00 25.57
C SER D 87 -11.97 19.75 24.18
N ARG D 88 -11.35 20.38 23.18
CA ARG D 88 -11.89 20.28 21.83
C ARG D 88 -11.62 18.91 21.23
N ASP D 89 -10.45 18.33 21.48
CA ASP D 89 -10.09 17.10 20.78
C ASP D 89 -10.86 15.90 21.31
N GLN D 90 -11.25 15.92 22.58
CA GLN D 90 -12.02 14.81 23.12
C GLN D 90 -13.41 14.78 22.50
N VAL D 91 -14.00 13.59 22.45
CA VAL D 91 -15.30 13.43 21.82
C VAL D 91 -16.41 13.87 22.78
N LEU D 92 -17.45 14.48 22.22
CA LEU D 92 -18.56 14.94 23.04
C LEU D 92 -19.28 13.79 23.70
N GLY D 93 -19.53 13.92 25.00
CA GLY D 93 -20.21 12.91 25.77
C GLY D 93 -19.30 11.93 26.48
N ARG D 94 -18.03 11.82 26.06
CA ARG D 94 -17.12 10.87 26.64
C ARG D 94 -16.08 11.49 27.56
N THR D 95 -16.04 12.82 27.65
CA THR D 95 -15.27 13.49 28.69
C THR D 95 -16.18 13.88 29.84
N MET D 96 -15.56 14.25 30.96
CA MET D 96 -16.31 14.38 32.21
C MET D 96 -17.41 15.44 32.10
N ASP D 97 -17.08 16.62 31.58
CA ASP D 97 -17.95 17.76 31.74
C ASP D 97 -19.24 17.68 30.94
N SER D 98 -19.35 16.74 30.01
CA SER D 98 -20.38 16.78 28.98
C SER D 98 -21.42 15.71 29.22
N CYS D 99 -22.70 16.08 29.14
CA CYS D 99 -23.79 15.13 29.29
C CYS D 99 -24.63 15.13 28.02
N CYS D 100 -24.73 13.98 27.36
CA CYS D 100 -25.28 13.92 26.02
C CYS D 100 -26.14 12.69 25.85
N VAL D 101 -27.03 12.74 24.86
CA VAL D 101 -27.78 11.59 24.39
C VAL D 101 -27.37 11.34 22.94
N GLU D 102 -26.98 10.09 22.63
CA GLU D 102 -26.44 9.74 21.33
C GLU D 102 -27.25 8.60 20.72
N TRP D 103 -27.38 8.62 19.40
CA TRP D 103 -27.96 7.50 18.66
C TRP D 103 -26.83 6.70 18.04
N LYS D 104 -26.56 5.53 18.59
CA LYS D 104 -25.40 4.75 18.16
C LYS D 104 -25.54 4.34 16.70
N GLY D 105 -24.47 3.72 16.19
CA GLY D 105 -24.49 3.16 14.85
C GLY D 105 -25.17 1.82 14.72
N THR D 106 -25.49 1.18 15.83
CA THR D 106 -26.22 -0.07 15.83
C THR D 106 -27.73 0.13 16.00
N SER D 107 -28.22 1.32 15.68
CA SER D 107 -29.66 1.64 15.77
C SER D 107 -30.19 1.44 17.18
N GLN D 108 -29.40 1.82 18.18
CA GLN D 108 -29.87 1.89 19.56
C GLN D 108 -29.62 3.30 20.09
N LEU D 109 -30.39 3.67 21.12
CA LEU D 109 -30.31 4.99 21.73
C LEU D 109 -29.66 4.88 23.09
N SER D 110 -28.55 5.58 23.29
CA SER D 110 -27.79 5.48 24.52
C SER D 110 -27.56 6.87 25.09
N ALA D 111 -27.27 6.91 26.39
CA ALA D 111 -26.99 8.16 27.08
C ALA D 111 -25.63 8.07 27.75
N TRP D 112 -24.83 9.11 27.62
CA TRP D 112 -23.55 9.20 28.28
C TRP D 112 -23.61 10.32 29.31
N HIS D 113 -23.54 9.96 30.59
CA HIS D 113 -23.45 10.94 31.66
C HIS D 113 -22.35 10.53 32.60
N MET D 114 -21.56 11.51 33.04
CA MET D 114 -20.44 11.25 33.95
C MET D 114 -19.57 10.12 33.42
N VAL D 115 -19.19 10.24 32.15
CA VAL D 115 -18.38 9.28 31.39
C VAL D 115 -18.76 7.84 31.74
N LYS D 116 -20.06 7.56 31.81
CA LYS D 116 -20.57 6.23 32.08
C LYS D 116 -21.53 5.81 30.97
N GLU D 117 -21.32 4.61 30.43
CA GLU D 117 -22.25 4.06 29.45
C GLU D 117 -23.59 3.76 30.10
N THR D 118 -24.66 4.02 29.37
CA THR D 118 -26.00 3.64 29.83
C THR D 118 -26.85 3.48 28.58
N VAL D 119 -27.24 2.26 28.28
CA VAL D 119 -28.01 1.98 27.08
C VAL D 119 -29.48 2.06 27.41
N LEU D 120 -30.31 2.12 26.37
CA LEU D 120 -31.76 2.10 26.52
C LEU D 120 -32.43 1.65 25.25
N ARG D 124 -36.59 3.44 20.13
CA ARG D 124 -36.95 3.95 18.81
C ARG D 124 -36.88 5.48 18.78
N PRO D 125 -36.24 6.02 17.75
CA PRO D 125 -35.83 7.42 17.77
C PRO D 125 -37.00 8.38 17.70
N GLY D 126 -36.68 9.65 17.90
CA GLY D 126 -37.67 10.71 17.82
C GLY D 126 -37.03 12.07 18.01
N VAL D 127 -37.86 13.11 17.91
CA VAL D 127 -37.40 14.49 18.05
C VAL D 127 -37.32 14.84 19.53
N VAL D 128 -36.19 15.41 19.96
CA VAL D 128 -35.90 15.39 21.38
C VAL D 128 -35.60 16.78 21.91
N GLY D 129 -35.77 16.93 23.22
CA GLY D 129 -35.52 18.18 23.89
C GLY D 129 -34.47 18.02 24.98
N ILE D 130 -34.03 19.16 25.50
CA ILE D 130 -33.20 19.23 26.69
C ILE D 130 -33.88 20.19 27.66
N TRP D 131 -34.05 19.77 28.90
CA TRP D 131 -34.64 20.62 29.93
C TRP D 131 -33.74 20.59 31.14
N LEU D 132 -33.16 21.73 31.48
CA LEU D 132 -32.17 21.79 32.53
C LEU D 132 -32.57 22.86 33.52
N ASN D 133 -32.41 22.54 34.80
CA ASN D 133 -32.49 23.55 35.85
C ASN D 133 -31.44 23.22 36.90
N LEU D 134 -30.36 23.99 36.89
CA LEU D 134 -29.35 23.86 37.95
C LEU D 134 -29.85 24.37 39.27
N GLU D 135 -31.02 25.04 39.29
CA GLU D 135 -31.61 25.49 40.54
C GLU D 135 -31.80 24.32 41.51
N GLU D 136 -32.03 23.12 40.98
CA GLU D 136 -32.05 21.91 41.77
C GLU D 136 -31.12 20.84 41.21
N GLY D 137 -30.29 21.20 40.24
CA GLY D 137 -29.35 20.26 39.64
C GLY D 137 -30.02 19.11 38.91
N LYS D 138 -31.03 19.41 38.09
CA LYS D 138 -31.80 18.38 37.40
C LYS D 138 -31.65 18.54 35.88
N LEU D 139 -31.30 17.43 35.20
CA LEU D 139 -31.17 17.42 33.75
C LEU D 139 -32.11 16.36 33.18
N ALA D 140 -32.93 16.75 32.22
CA ALA D 140 -33.95 15.87 31.67
C ALA D 140 -33.95 15.93 30.15
N PHE D 141 -34.27 14.78 29.55
CA PHE D 141 -34.51 14.67 28.11
C PHE D 141 -35.94 14.18 27.91
N TYR D 142 -36.57 14.64 26.85
CA TYR D 142 -37.90 14.15 26.49
C TYR D 142 -37.95 13.96 24.98
N SER D 143 -38.35 12.77 24.55
CA SER D 143 -38.53 12.46 23.13
C SER D 143 -40.00 12.67 22.80
N VAL D 144 -40.31 13.76 22.10
CA VAL D 144 -41.68 14.13 21.80
C VAL D 144 -41.90 13.99 20.31
N ASP D 145 -42.85 13.13 19.93
CA ASP D 145 -43.29 13.01 18.55
C ASP D 145 -44.80 13.18 18.51
N ASN D 146 -45.54 12.07 18.43
CA ASN D 146 -46.99 12.10 18.57
C ASN D 146 -47.43 12.04 20.02
N GLN D 147 -46.52 11.73 20.94
CA GLN D 147 -46.84 11.62 22.36
C GLN D 147 -45.65 12.10 23.18
N GLU D 148 -45.94 12.50 24.41
CA GLU D 148 -44.91 13.05 25.30
C GLU D 148 -44.16 11.90 25.98
N LYS D 149 -43.37 11.18 25.18
CA LYS D 149 -42.60 10.06 25.70
C LYS D 149 -41.43 10.55 26.56
N LEU D 150 -41.09 9.76 27.57
CA LEU D 150 -40.08 10.13 28.54
C LEU D 150 -38.80 9.36 28.26
N LEU D 151 -37.70 10.08 28.16
CA LEU D 151 -36.38 9.52 27.90
C LEU D 151 -35.57 9.54 29.19
N TYR D 152 -34.27 9.27 29.06
CA TYR D 152 -33.41 9.20 30.23
C TYR D 152 -33.29 10.56 30.91
N GLU D 153 -33.35 10.55 32.24
CA GLU D 153 -33.27 11.74 33.08
C GLU D 153 -32.31 11.49 34.23
N CYS D 154 -31.47 12.47 34.56
CA CYS D 154 -30.48 12.27 35.61
C CYS D 154 -30.21 13.58 36.34
N THR D 155 -29.29 13.50 37.30
CA THR D 155 -28.84 14.65 38.09
C THR D 155 -27.36 14.90 37.82
N ILE D 156 -27.03 16.16 37.58
CA ILE D 156 -25.66 16.57 37.26
C ILE D 156 -25.55 18.07 37.41
N SER D 157 -24.52 18.52 38.11
CA SER D 157 -24.29 19.93 38.32
C SER D 157 -22.81 20.24 38.11
N ALA D 158 -22.54 21.15 37.20
CA ALA D 158 -21.20 21.66 36.97
C ALA D 158 -21.16 23.13 37.37
N SER D 159 -20.04 23.54 37.96
CA SER D 159 -19.96 24.89 38.50
C SER D 159 -20.11 25.93 37.40
N SER D 160 -19.44 25.72 36.28
CA SER D 160 -19.50 26.70 35.21
C SER D 160 -20.88 26.69 34.56
N PRO D 161 -21.32 27.83 34.02
CA PRO D 161 -22.57 27.83 33.26
C PRO D 161 -22.47 26.93 32.05
N LEU D 162 -23.61 26.35 31.66
CA LEU D 162 -23.64 25.30 30.65
C LEU D 162 -24.15 25.83 29.32
N TYR D 163 -23.69 25.19 28.24
CA TYR D 163 -24.06 25.52 26.87
C TYR D 163 -24.70 24.33 26.18
N PRO D 164 -25.66 24.54 25.31
CA PRO D 164 -26.14 23.44 24.47
C PRO D 164 -25.06 23.02 23.48
N ALA D 165 -25.15 21.77 23.02
CA ALA D 165 -24.09 21.17 22.21
C ALA D 165 -24.66 20.10 21.29
N PHE D 166 -23.96 19.85 20.18
CA PHE D 166 -24.44 18.88 19.21
C PHE D 166 -23.27 18.19 18.53
N TRP D 167 -23.50 16.95 18.06
CA TRP D 167 -22.55 16.20 17.24
C TRP D 167 -23.27 15.51 16.09
N LEU D 168 -22.83 15.76 14.87
CA LEU D 168 -23.51 15.28 13.67
C LEU D 168 -22.52 14.53 12.79
N TYR D 169 -22.85 13.28 12.47
CA TYR D 169 -21.91 12.38 11.81
C TYR D 169 -21.40 12.98 10.52
N GLY D 170 -20.09 13.16 10.44
CA GLY D 170 -19.50 14.03 9.44
C GLY D 170 -18.98 13.39 8.18
N LEU D 171 -18.96 12.07 8.09
CA LEU D 171 -18.48 11.43 6.88
C LEU D 171 -19.54 11.32 5.79
N HIS D 172 -20.81 11.49 6.14
CA HIS D 172 -21.92 11.22 5.25
C HIS D 172 -22.61 12.54 4.92
N PRO D 173 -22.33 13.15 3.77
CA PRO D 173 -22.85 14.48 3.48
C PRO D 173 -24.37 14.49 3.43
N GLY D 174 -24.95 15.61 3.85
CA GLY D 174 -26.35 15.87 3.62
C GLY D 174 -27.28 15.64 4.78
N ASN D 175 -26.78 15.26 5.95
CA ASN D 175 -27.63 15.17 7.13
C ASN D 175 -27.54 16.49 7.89
N TYR D 176 -28.69 17.08 8.19
CA TYR D 176 -28.75 18.35 8.90
C TYR D 176 -29.60 18.23 10.15
N LEU D 177 -29.19 18.95 11.18
CA LEU D 177 -29.90 19.08 12.44
C LEU D 177 -30.34 20.53 12.60
N ILE D 178 -31.60 20.75 12.98
CA ILE D 178 -32.10 22.10 13.19
C ILE D 178 -32.92 22.18 14.47
N ILE D 179 -33.17 23.42 14.87
CA ILE D 179 -33.70 23.78 16.18
C ILE D 179 -35.10 24.32 15.97
N LYS D 180 -36.07 23.82 16.75
CA LYS D 180 -37.45 24.23 16.60
C LYS D 180 -37.89 25.02 17.82
N GLN D 181 -38.40 26.23 17.59
CA GLN D 181 -38.85 27.09 18.67
C GLN D 181 -40.39 27.01 18.73
N VAL D 182 -40.87 25.93 19.33
CA VAL D 182 -42.30 25.83 19.56
C VAL D 182 -42.73 26.92 20.52
N LYS D 183 -44.02 27.25 20.47
CA LYS D 183 -44.57 28.36 21.23
C LYS D 183 -45.72 27.87 22.09
N VAL D 184 -46.00 28.63 23.15
CA VAL D 184 -47.09 28.33 24.04
C VAL D 184 -48.42 28.52 23.32
PB ADP E . -11.45 -15.00 -2.35
O1B ADP E . -10.23 -15.80 -2.09
O2B ADP E . -11.24 -13.54 -2.25
O3B ADP E . -12.23 -15.44 -3.55
PA ADP E . -11.86 -16.51 -0.09
O1A ADP E . -10.81 -15.86 0.73
O2A ADP E . -11.56 -17.78 -0.82
O3A ADP E . -12.38 -15.40 -1.11
O5' ADP E . -13.12 -16.73 0.87
C5' ADP E . -13.32 -15.76 1.87
C4' ADP E . -14.01 -16.34 3.09
O4' ADP E . -15.30 -16.87 2.82
C3' ADP E . -13.22 -17.48 3.67
O3' ADP E . -12.36 -17.00 4.69
C2' ADP E . -14.26 -18.33 4.32
O2' ADP E . -14.14 -18.18 5.73
C1' ADP E . -15.59 -17.76 3.88
N9 ADP E . -16.36 -18.93 3.44
C8 ADP E . -16.01 -19.76 2.46
N7 ADP E . -16.90 -20.76 2.32
C5 ADP E . -17.85 -20.58 3.24
C6 ADP E . -19.07 -21.27 3.65
N6 ADP E . -19.48 -22.38 3.01
N1 ADP E . -19.78 -20.76 4.67
C2 ADP E . -19.37 -19.66 5.30
N3 ADP E . -18.26 -18.98 4.99
C4 ADP E . -17.47 -19.39 3.99
AL ALF F . -9.31 -13.70 -3.56
F1 ALF F . -8.91 -15.24 -4.36
F2 ALF F . -9.77 -12.17 -2.75
F3 ALF F . -9.77 -12.98 -5.11
F4 ALF F . -8.77 -14.41 -2.01
MG MG G . -8.61 -16.01 -2.84
ZN ZN H . 37.63 8.07 -5.05
#